data_8WOO
#
_entry.id   8WOO
#
_cell.length_a   1.00
_cell.length_b   1.00
_cell.length_c   1.00
_cell.angle_alpha   90.00
_cell.angle_beta   90.00
_cell.angle_gamma   90.00
#
_symmetry.space_group_name_H-M   'P 1'
#
loop_
_entity.id
_entity.type
_entity.pdbx_description
1 polymer 'ABC transporter B family member 19'
2 non-polymer 'MAGNESIUM ION'
3 non-polymer 'PHOSPHOAMINOPHOSPHONIC ACID-ADENYLATE ESTER'
4 non-polymer Brassinolide
#
_entity_poly.entity_id   1
_entity_poly.type   'polypeptide(L)'
_entity_poly.pdbx_seq_one_letter_code
;MSETNTTDAKTVPAEAEKKKEQSLPFFKLFSFADKFDYLLMFVGSLGAIVHGSSMPVFFLLFGQMVNGFGKNQMDLHQMV
HEVSRYSLYFVYLGLVVCFSSYAEIACWMYSGERQVAALRKKYLEAVLKQDVGFFDTDARTGDIVFSVSTDTLLVQDAIS
EKVGNFIHYLSTFLAGLVVGFVSAWKLALLSVAVIPGIAFAGGLYAYTLTGITSKSRESYANAGVIAEQAIAQVRTVYSY
VGESKALNAYSDAIQYTLKLGYKAGMAKGLGLGCTYGIACMSWALVFWYAGVFIRNGQTDGGKAFTAIFSAIVGGMSLGQ
SFSNLGAFSKGKAAGYKLMEIINQRPTIIQDPLDGKCLDQVHGNIEFKDVTFSYPSRPDVMIFRNFNIFFPSGKTVAVVG
GSGSGKSTVVSLIERFYDPNSGQILLDGVEIKTLQLKFLREQIGLVNQEPALFATTILENILYGKPDATMVEVEAAASAA
NAHSFITLLPKGYDTQVGERGVQLSGGQKQRIAIARAMLKDPKILLLDEATSALDASSESIVQEALDRVMVGRTTVVVAH
RLCTIRNVDSIAVIQQGQVVETGTHEELIAKSGAYASLIRFQEMVGTRDFSNPSTRRTRSTRLSHSLSTKSLSLRSGSLR
NLSYSYSTGADGRIEMISNAETDRKTRAPENYFYRLLKLNSPEWPYSIMGAVGSILSGFIGPTFAIVMSNMIEVFYYTDY
DSMERKTKEYVFIYIGAGLYAVGAYLIQHYFFSIMGENLTTRVRRMMLSAILRNEVGWFDEDEHNSSLIAARLATDAADV
KSAIAERISVILQNMTSLLTSFIVAFIVEWRVSLLILGTFPLLVLANFAQQLSLKGFAGDTAKAHAKTSMIAGEGVSNIR
TVAAFNAQSKILSLFCHELRVPQKRSLYRSQTSGFLFGLSQLALYGSEALILWYGAHLVSKGVSTFSKVIKVFVVLVITA
NSVAETVSLAPEIIRGGEAVGSVFSVLDRQTRIDPDDADADPVETIRGDIEFRHVDFAYPSRPDVMVFRDFNLRIRAGHS
QALVGASGSGKSSVIAMIERFYDPLAGKVMIDGKDIRRLNLKSLRLKIGLVQQEPALFAATIFDNIAYGKDGATESEVID
AARAANAHGFISGLPEGYKTPVGERGVQLSGGQKQRIAIARAVLKNPTVLLLDEATSALDAESECVLQEALERLMRGRTT
VVVAHRLSTIRGVDCIGVIQDGRIVEQGSHSELVSRPEGAYSRLLQLQTHRI
;
_entity_poly.pdbx_strand_id   A
#
# COMPACT_ATOMS: atom_id res chain seq x y z
N GLU A 21 -8.71 -10.99 -17.88
CA GLU A 21 -9.64 -11.63 -18.81
C GLU A 21 -9.21 -11.39 -20.25
N GLN A 22 -9.83 -10.40 -20.88
CA GLN A 22 -9.46 -9.97 -22.23
C GLN A 22 -8.08 -9.31 -22.20
N SER A 23 -7.29 -9.61 -23.23
CA SER A 23 -5.94 -9.08 -23.30
C SER A 23 -5.58 -8.85 -24.76
N LEU A 24 -4.76 -7.83 -24.97
CA LEU A 24 -4.25 -7.49 -26.29
C LEU A 24 -3.21 -8.51 -26.71
N PRO A 25 -2.90 -8.58 -28.00
CA PRO A 25 -1.63 -9.19 -28.42
C PRO A 25 -0.45 -8.39 -27.89
N PHE A 26 0.73 -9.03 -27.87
CA PHE A 26 1.92 -8.31 -27.41
C PHE A 26 2.29 -7.20 -28.38
N PHE A 27 2.23 -7.47 -29.67
CA PHE A 27 2.25 -6.40 -30.64
C PHE A 27 0.92 -5.65 -30.55
N LYS A 28 0.94 -4.38 -31.04
CA LYS A 28 -0.01 -3.27 -30.84
C LYS A 28 0.16 -2.62 -29.47
N LEU A 29 1.09 -3.11 -28.65
CA LEU A 29 1.59 -2.29 -27.56
C LEU A 29 2.58 -1.25 -28.04
N PHE A 30 3.21 -1.49 -29.19
CA PHE A 30 4.14 -0.55 -29.80
C PHE A 30 3.43 0.35 -30.80
N SER A 31 2.09 0.40 -30.76
CA SER A 31 1.32 1.10 -31.77
C SER A 31 1.26 2.61 -31.58
N PHE A 32 1.97 3.16 -30.59
CA PHE A 32 2.08 4.60 -30.42
C PHE A 32 3.45 5.14 -30.82
N ALA A 33 4.25 4.34 -31.51
CA ALA A 33 5.58 4.77 -31.92
C ALA A 33 5.46 5.72 -33.11
N ASP A 34 6.27 6.76 -33.12
CA ASP A 34 6.31 7.69 -34.24
C ASP A 34 7.36 7.23 -35.24
N LYS A 35 7.65 8.06 -36.24
CA LYS A 35 8.64 7.75 -37.27
C LYS A 35 10.06 7.83 -36.75
N PHE A 36 10.28 8.44 -35.59
CA PHE A 36 11.60 8.51 -34.99
C PHE A 36 11.93 7.30 -34.13
N ASP A 37 10.92 6.61 -33.62
CA ASP A 37 11.14 5.45 -32.77
C ASP A 37 11.33 4.15 -33.54
N TYR A 38 11.19 4.17 -34.86
CA TYR A 38 11.60 3.01 -35.64
C TYR A 38 13.10 3.01 -35.92
N LEU A 39 13.83 3.99 -35.42
CA LEU A 39 15.28 4.03 -35.52
C LEU A 39 15.96 3.83 -34.17
N LEU A 40 15.27 4.10 -33.08
CA LEU A 40 15.79 3.73 -31.76
C LEU A 40 15.42 2.32 -31.36
N MET A 41 14.79 1.55 -32.25
CA MET A 41 14.64 0.12 -32.04
C MET A 41 15.38 -0.71 -33.09
N PHE A 42 15.94 -0.07 -34.11
CA PHE A 42 16.81 -0.78 -35.04
C PHE A 42 18.27 -0.69 -34.60
N VAL A 43 18.68 0.50 -34.13
CA VAL A 43 19.96 0.61 -33.42
C VAL A 43 19.92 -0.22 -32.15
N GLY A 44 18.83 -0.14 -31.41
CA GLY A 44 18.71 -0.88 -30.17
C GLY A 44 18.39 -2.35 -30.30
N SER A 45 18.44 -2.91 -31.49
CA SER A 45 18.34 -4.35 -31.66
C SER A 45 19.62 -4.95 -32.21
N LEU A 46 20.35 -4.23 -33.05
CA LEU A 46 21.70 -4.63 -33.41
C LEU A 46 22.68 -4.46 -32.27
N GLY A 47 22.33 -3.67 -31.27
CA GLY A 47 23.16 -3.55 -30.09
C GLY A 47 23.01 -4.74 -29.16
N ALA A 48 21.81 -5.30 -29.08
CA ALA A 48 21.56 -6.39 -28.14
C ALA A 48 21.86 -7.76 -28.72
N ILE A 49 22.23 -7.85 -29.99
CA ILE A 49 22.63 -9.12 -30.58
C ILE A 49 24.14 -9.30 -30.55
N VAL A 50 24.89 -8.27 -30.95
CA VAL A 50 26.35 -8.32 -30.92
C VAL A 50 26.86 -8.44 -29.49
N HIS A 51 26.20 -7.77 -28.54
CA HIS A 51 26.51 -7.95 -27.13
C HIS A 51 26.14 -9.35 -26.65
N GLY A 52 25.07 -9.94 -27.18
CA GLY A 52 24.65 -11.24 -26.72
C GLY A 52 25.61 -12.34 -27.14
N SER A 53 26.20 -12.20 -28.32
CA SER A 53 27.23 -13.13 -28.77
C SER A 53 28.62 -12.55 -28.52
N SER A 54 28.91 -12.33 -27.24
CA SER A 54 30.25 -11.94 -26.81
C SER A 54 30.84 -12.87 -25.78
N MET A 55 30.03 -13.49 -24.96
CA MET A 55 30.51 -14.53 -24.06
C MET A 55 30.81 -15.84 -24.82
N PRO A 56 30.10 -16.25 -25.87
CA PRO A 56 30.62 -17.33 -26.71
C PRO A 56 31.64 -16.92 -27.76
N VAL A 57 32.24 -15.74 -27.68
CA VAL A 57 33.36 -15.41 -28.56
C VAL A 57 34.59 -15.26 -27.69
N PHE A 58 34.37 -14.86 -26.42
CA PHE A 58 35.43 -14.88 -25.42
C PHE A 58 35.95 -16.30 -25.19
N PHE A 59 35.08 -17.30 -25.34
CA PHE A 59 35.50 -18.68 -25.23
C PHE A 59 36.07 -19.22 -26.53
N LEU A 60 36.07 -18.44 -27.61
CA LEU A 60 36.74 -18.87 -28.81
C LEU A 60 38.18 -18.36 -28.87
N LEU A 61 38.45 -17.21 -28.24
CA LEU A 61 39.83 -16.72 -28.23
C LEU A 61 40.63 -17.36 -27.10
N PHE A 62 39.98 -17.68 -26.00
CA PHE A 62 40.70 -18.22 -24.86
C PHE A 62 41.10 -19.66 -25.08
N GLY A 63 40.39 -20.38 -25.95
CA GLY A 63 40.84 -21.71 -26.34
C GLY A 63 41.78 -21.66 -27.52
N GLN A 64 42.05 -20.46 -28.02
CA GLN A 64 43.09 -20.28 -29.04
C GLN A 64 44.34 -19.62 -28.48
N MET A 65 44.26 -19.02 -27.29
CA MET A 65 45.47 -18.57 -26.61
C MET A 65 46.27 -19.76 -26.11
N VAL A 66 45.63 -20.62 -25.31
CA VAL A 66 46.27 -21.77 -24.68
C VAL A 66 46.84 -22.75 -25.70
N ASN A 67 46.28 -22.82 -26.91
CA ASN A 67 46.84 -23.67 -27.95
C ASN A 67 48.13 -23.11 -28.56
N GLY A 68 48.54 -21.91 -28.17
CA GLY A 68 49.88 -21.43 -28.48
C GLY A 68 50.67 -21.24 -27.21
N PHE A 69 49.94 -21.06 -26.11
CA PHE A 69 50.52 -20.87 -24.79
C PHE A 69 50.65 -22.22 -24.06
N GLY A 70 51.38 -23.14 -24.66
CA GLY A 70 51.55 -24.42 -24.01
C GLY A 70 51.66 -25.65 -24.88
N LYS A 71 51.23 -25.59 -26.14
CA LYS A 71 51.70 -26.61 -27.06
C LYS A 71 53.13 -26.35 -27.47
N ASN A 72 53.55 -25.09 -27.49
CA ASN A 72 54.93 -24.73 -27.79
C ASN A 72 55.74 -24.51 -26.52
N GLN A 73 55.79 -25.50 -25.64
CA GLN A 73 56.64 -25.44 -24.46
C GLN A 73 58.12 -25.60 -24.78
N MET A 74 58.45 -26.14 -25.95
CA MET A 74 59.84 -26.31 -26.35
C MET A 74 60.38 -25.15 -27.16
N ASP A 75 59.53 -24.21 -27.57
CA ASP A 75 59.91 -23.07 -28.39
C ASP A 75 59.45 -21.81 -27.68
N LEU A 76 60.33 -21.24 -26.87
CA LEU A 76 60.00 -20.07 -26.06
C LEU A 76 59.93 -18.78 -26.86
N HIS A 77 60.30 -18.79 -28.14
CA HIS A 77 60.14 -17.62 -28.99
C HIS A 77 58.87 -17.68 -29.83
N GLN A 78 58.19 -18.82 -29.83
CA GLN A 78 56.88 -18.92 -30.47
C GLN A 78 55.77 -18.57 -29.50
N MET A 79 56.01 -18.74 -28.20
CA MET A 79 55.03 -18.38 -27.19
C MET A 79 54.83 -16.87 -27.13
N VAL A 80 55.94 -16.11 -27.14
CA VAL A 80 55.87 -14.66 -26.96
C VAL A 80 55.20 -14.00 -28.15
N HIS A 81 55.36 -14.56 -29.36
CA HIS A 81 54.60 -14.09 -30.51
C HIS A 81 53.11 -14.35 -30.35
N GLU A 82 52.71 -15.61 -30.21
CA GLU A 82 51.31 -15.96 -30.33
C GLU A 82 50.52 -15.80 -29.04
N VAL A 83 51.01 -15.02 -28.08
CA VAL A 83 50.16 -14.60 -26.96
C VAL A 83 50.14 -13.08 -27.03
N SER A 84 51.13 -12.48 -27.70
CA SER A 84 51.05 -11.06 -27.97
C SER A 84 50.11 -10.75 -29.13
N ARG A 85 49.55 -11.76 -29.77
CA ARG A 85 48.52 -11.54 -30.79
C ARG A 85 47.14 -11.86 -30.22
N TYR A 86 47.00 -12.99 -29.52
CA TYR A 86 45.72 -13.34 -28.92
C TYR A 86 45.42 -12.60 -27.63
N SER A 87 46.32 -11.74 -27.15
CA SER A 87 45.95 -10.83 -26.07
C SER A 87 45.98 -9.38 -26.51
N LEU A 88 46.10 -9.16 -27.81
CA LEU A 88 45.67 -7.88 -28.37
C LEU A 88 44.18 -7.94 -28.69
N TYR A 89 43.67 -9.14 -28.99
CA TYR A 89 42.27 -9.31 -29.36
C TYR A 89 41.32 -9.10 -28.19
N PHE A 90 41.80 -9.16 -26.94
CA PHE A 90 40.92 -8.84 -25.83
C PHE A 90 40.90 -7.35 -25.53
N VAL A 91 41.49 -6.54 -26.40
CA VAL A 91 41.21 -5.11 -26.38
C VAL A 91 40.25 -4.77 -27.51
N TYR A 92 40.37 -5.47 -28.65
CA TYR A 92 39.41 -5.32 -29.74
C TYR A 92 38.04 -5.86 -29.34
N LEU A 93 37.99 -6.83 -28.43
CA LEU A 93 36.71 -7.32 -27.94
C LEU A 93 36.17 -6.40 -26.86
N GLY A 94 37.05 -5.64 -26.21
CA GLY A 94 36.60 -4.70 -25.21
C GLY A 94 35.97 -3.47 -25.80
N LEU A 95 36.30 -3.14 -27.04
CA LEU A 95 35.70 -2.00 -27.73
C LEU A 95 34.48 -2.41 -28.53
N VAL A 96 34.01 -3.64 -28.37
CA VAL A 96 32.75 -4.07 -28.98
C VAL A 96 31.72 -4.15 -27.86
N VAL A 97 32.14 -4.60 -26.68
CA VAL A 97 31.27 -4.58 -25.52
C VAL A 97 31.15 -3.16 -24.96
N CYS A 98 32.09 -2.27 -25.31
CA CYS A 98 31.94 -0.87 -24.97
C CYS A 98 30.78 -0.23 -25.72
N PHE A 99 30.65 -0.53 -27.02
CA PHE A 99 29.66 0.12 -27.86
C PHE A 99 28.49 -0.78 -28.24
N SER A 100 28.32 -1.93 -27.59
CA SER A 100 27.10 -2.69 -27.76
C SER A 100 26.36 -2.95 -26.46
N SER A 101 26.86 -2.45 -25.34
CA SER A 101 26.03 -2.30 -24.16
C SER A 101 25.63 -0.86 -23.94
N TYR A 102 26.22 0.05 -24.72
CA TYR A 102 25.79 1.44 -24.73
C TYR A 102 24.61 1.64 -25.67
N ALA A 103 24.35 0.66 -26.55
CA ALA A 103 23.29 0.78 -27.54
C ALA A 103 22.11 -0.12 -27.26
N GLU A 104 22.14 -0.91 -26.17
CA GLU A 104 20.94 -1.60 -25.72
C GLU A 104 20.36 -1.00 -24.45
N ILE A 105 21.10 -0.14 -23.77
CA ILE A 105 20.58 0.56 -22.61
C ILE A 105 20.17 1.99 -22.95
N ALA A 106 21.03 2.78 -23.57
CA ALA A 106 20.73 4.16 -23.91
C ALA A 106 19.88 4.30 -25.16
N CYS A 107 19.36 3.20 -25.71
CA CYS A 107 18.47 3.27 -26.85
C CYS A 107 17.19 2.50 -26.64
N TRP A 108 17.05 1.74 -25.57
CA TRP A 108 15.76 1.17 -25.18
C TRP A 108 15.10 1.89 -24.01
N MET A 109 15.87 2.33 -23.02
CA MET A 109 15.29 3.02 -21.87
C MET A 109 14.66 4.34 -22.26
N TYR A 110 15.23 5.02 -23.26
CA TYR A 110 14.64 6.25 -23.75
C TYR A 110 13.56 6.00 -24.79
N SER A 111 13.66 4.94 -25.59
CA SER A 111 12.68 4.67 -26.61
C SER A 111 11.44 3.96 -26.07
N GLY A 112 11.45 3.58 -24.80
CA GLY A 112 10.26 3.16 -24.12
C GLY A 112 9.65 4.27 -23.30
N GLU A 113 10.11 5.50 -23.51
CA GLU A 113 9.69 6.66 -22.74
C GLU A 113 9.00 7.70 -23.63
N ARG A 114 9.33 7.72 -24.91
CA ARG A 114 8.57 8.55 -25.84
C ARG A 114 7.29 7.88 -26.29
N GLN A 115 7.06 6.62 -25.90
CA GLN A 115 5.83 5.93 -26.25
C GLN A 115 4.81 5.96 -25.11
N VAL A 116 5.27 5.98 -23.87
CA VAL A 116 4.35 6.09 -22.75
C VAL A 116 3.93 7.55 -22.53
N ALA A 117 4.85 8.49 -22.68
CA ALA A 117 4.50 9.91 -22.59
C ALA A 117 3.45 10.27 -23.63
N ALA A 118 3.59 9.83 -24.87
CA ALA A 118 2.51 9.86 -25.84
C ALA A 118 1.20 9.17 -25.54
N LEU A 119 1.23 7.99 -24.93
CA LEU A 119 0.04 7.40 -24.34
C LEU A 119 -0.82 8.24 -23.41
N ARG A 120 -0.18 8.90 -22.43
CA ARG A 120 -0.88 9.75 -21.49
C ARG A 120 -1.53 10.95 -22.17
N LYS A 121 -0.96 11.42 -23.28
CA LYS A 121 -1.57 12.51 -24.02
C LYS A 121 -2.83 12.08 -24.76
N LYS A 122 -2.85 10.88 -25.35
CA LYS A 122 -4.06 10.38 -25.99
C LYS A 122 -5.12 9.99 -24.95
N TYR A 123 -4.74 9.23 -23.94
CA TYR A 123 -5.58 9.04 -22.77
C TYR A 123 -6.30 10.17 -22.03
N LEU A 124 -5.56 11.17 -21.56
CA LEU A 124 -6.20 12.33 -20.97
C LEU A 124 -7.14 13.09 -21.89
N GLU A 125 -6.75 13.28 -23.15
CA GLU A 125 -7.77 13.61 -24.15
C GLU A 125 -9.01 12.74 -24.14
N ALA A 126 -8.87 11.44 -23.89
CA ALA A 126 -10.03 10.57 -23.81
C ALA A 126 -10.86 10.85 -22.58
N VAL A 127 -10.28 10.90 -21.44
CA VAL A 127 -11.16 11.12 -20.34
C VAL A 127 -11.83 12.48 -20.41
N LEU A 128 -11.20 13.61 -20.70
CA LEU A 128 -11.97 14.84 -20.66
C LEU A 128 -13.21 15.00 -21.52
N LYS A 129 -13.40 14.16 -22.53
CA LYS A 129 -14.40 14.35 -23.56
C LYS A 129 -15.02 12.98 -23.33
N GLN A 130 -16.10 12.89 -22.54
CA GLN A 130 -16.79 11.64 -22.29
C GLN A 130 -17.95 12.42 -21.69
N ASP A 131 -19.10 11.76 -21.61
CA ASP A 131 -20.24 12.37 -20.97
C ASP A 131 -20.00 12.45 -19.46
N VAL A 132 -20.35 13.59 -18.87
CA VAL A 132 -19.89 13.93 -17.53
C VAL A 132 -20.48 13.03 -16.46
N GLY A 133 -21.69 12.52 -16.67
CA GLY A 133 -22.27 11.60 -15.71
C GLY A 133 -21.78 10.18 -15.78
N PHE A 134 -20.70 9.91 -16.53
CA PHE A 134 -20.09 8.59 -16.55
C PHE A 134 -19.46 8.23 -15.21
N PHE A 135 -19.11 9.23 -14.39
CA PHE A 135 -18.38 9.02 -13.15
C PHE A 135 -19.35 9.27 -11.99
N ASP A 136 -19.68 8.22 -11.25
CA ASP A 136 -20.65 8.29 -10.16
C ASP A 136 -20.16 7.51 -8.94
N THR A 137 -18.83 7.32 -8.84
CA THR A 137 -18.08 6.88 -7.65
C THR A 137 -18.31 5.39 -7.35
N ASP A 138 -19.22 4.75 -8.08
CA ASP A 138 -19.53 3.33 -7.90
C ASP A 138 -18.45 2.45 -8.55
N ALA A 139 -17.28 2.46 -7.89
CA ALA A 139 -16.02 1.89 -8.40
C ALA A 139 -15.71 2.40 -9.81
N ARG A 140 -15.95 3.68 -10.03
CA ARG A 140 -15.71 4.32 -11.31
C ARG A 140 -14.61 5.36 -11.25
N THR A 141 -14.73 6.33 -10.35
CA THR A 141 -13.68 7.34 -10.17
C THR A 141 -12.55 6.83 -9.28
N GLY A 142 -12.71 5.67 -8.67
CA GLY A 142 -11.60 4.94 -8.08
C GLY A 142 -10.96 3.97 -9.04
N ASP A 143 -11.43 3.89 -10.28
CA ASP A 143 -10.88 3.01 -11.30
C ASP A 143 -10.22 3.76 -12.44
N ILE A 144 -10.74 4.92 -12.82
CA ILE A 144 -10.10 5.74 -13.84
C ILE A 144 -8.81 6.35 -13.31
N VAL A 145 -8.83 6.85 -12.08
CA VAL A 145 -7.63 7.44 -11.48
C VAL A 145 -6.58 6.37 -11.22
N PHE A 146 -7.01 5.16 -10.87
CA PHE A 146 -6.05 4.07 -10.69
C PHE A 146 -5.50 3.58 -12.03
N SER A 147 -6.26 3.73 -13.12
CA SER A 147 -5.80 3.26 -14.42
C SER A 147 -4.71 4.15 -14.99
N VAL A 148 -4.68 5.43 -14.62
CA VAL A 148 -3.58 6.28 -15.08
C VAL A 148 -2.40 6.21 -14.13
N SER A 149 -2.55 5.54 -12.99
CA SER A 149 -1.52 5.49 -11.96
C SER A 149 -0.64 4.27 -12.05
N THR A 150 -1.19 3.11 -12.41
CA THR A 150 -0.46 1.86 -12.36
C THR A 150 -0.32 1.26 -13.76
N ASP A 151 -1.39 1.36 -14.56
CA ASP A 151 -1.39 0.71 -15.87
C ASP A 151 -0.45 1.39 -16.86
N THR A 152 -0.15 2.67 -16.67
CA THR A 152 0.90 3.30 -17.47
C THR A 152 2.28 3.12 -16.85
N LEU A 153 2.39 2.29 -15.81
CA LEU A 153 3.67 1.80 -15.33
C LEU A 153 3.85 0.31 -15.57
N LEU A 154 2.84 -0.35 -16.13
CA LEU A 154 2.96 -1.73 -16.55
C LEU A 154 3.10 -1.85 -18.06
N VAL A 155 2.55 -0.90 -18.80
CA VAL A 155 2.89 -0.80 -20.21
C VAL A 155 4.34 -0.36 -20.37
N GLN A 156 4.83 0.50 -19.47
CA GLN A 156 6.20 0.99 -19.60
C GLN A 156 7.22 -0.07 -19.22
N ASP A 157 6.98 -0.81 -18.14
CA ASP A 157 7.98 -1.76 -17.67
C ASP A 157 8.04 -3.01 -18.53
N ALA A 158 7.12 -3.18 -19.48
CA ALA A 158 7.11 -4.39 -20.29
C ALA A 158 7.67 -4.16 -21.68
N ILE A 159 7.72 -2.90 -22.14
CA ILE A 159 8.20 -2.63 -23.49
C ILE A 159 9.46 -1.77 -23.52
N SER A 160 9.92 -1.25 -22.38
CA SER A 160 11.09 -0.38 -22.42
C SER A 160 12.38 -1.18 -22.44
N GLU A 161 12.67 -1.91 -21.38
CA GLU A 161 14.01 -2.45 -21.18
C GLU A 161 14.06 -3.95 -21.05
N LYS A 162 13.01 -4.60 -20.54
CA LYS A 162 13.02 -6.07 -20.50
C LYS A 162 12.90 -6.70 -21.88
N VAL A 163 12.52 -5.95 -22.91
CA VAL A 163 12.71 -6.45 -24.27
C VAL A 163 14.18 -6.44 -24.62
N GLY A 164 14.94 -5.46 -24.09
CA GLY A 164 16.36 -5.40 -24.36
C GLY A 164 17.17 -6.47 -23.65
N ASN A 165 16.61 -7.10 -22.62
CA ASN A 165 17.23 -8.28 -22.04
C ASN A 165 16.74 -9.57 -22.69
N PHE A 166 15.48 -9.62 -23.10
CA PHE A 166 14.95 -10.80 -23.77
C PHE A 166 15.63 -11.03 -25.12
N ILE A 167 16.02 -9.98 -25.83
CA ILE A 167 16.78 -10.18 -27.05
C ILE A 167 18.22 -10.59 -26.74
N HIS A 168 18.84 -9.96 -25.74
CA HIS A 168 20.22 -10.19 -25.34
C HIS A 168 20.52 -11.64 -24.93
N TYR A 169 19.86 -12.12 -23.88
CA TYR A 169 20.14 -13.46 -23.39
C TYR A 169 19.54 -14.56 -24.27
N LEU A 170 18.81 -14.21 -25.33
CA LEU A 170 18.39 -15.22 -26.29
C LEU A 170 19.49 -15.52 -27.29
N SER A 171 20.11 -14.49 -27.86
CA SER A 171 21.10 -14.72 -28.89
C SER A 171 22.41 -15.24 -28.34
N THR A 172 22.61 -15.18 -27.03
CA THR A 172 23.68 -15.96 -26.41
C THR A 172 23.42 -17.45 -26.58
N PHE A 173 22.18 -17.90 -26.36
CA PHE A 173 21.84 -19.30 -26.53
C PHE A 173 21.94 -19.75 -27.99
N LEU A 174 21.54 -18.89 -28.92
CA LEU A 174 21.64 -19.25 -30.33
C LEU A 174 23.01 -18.98 -30.93
N ALA A 175 23.95 -18.45 -30.14
CA ALA A 175 25.34 -18.40 -30.53
C ALA A 175 26.23 -19.20 -29.61
N GLY A 176 25.68 -19.76 -28.53
CA GLY A 176 26.39 -20.73 -27.74
C GLY A 176 26.25 -22.13 -28.23
N LEU A 177 25.37 -22.36 -29.20
CA LEU A 177 25.23 -23.65 -29.86
C LEU A 177 25.65 -23.58 -31.31
N VAL A 178 26.45 -22.60 -31.69
CA VAL A 178 27.12 -22.56 -32.98
C VAL A 178 28.63 -22.62 -32.82
N VAL A 179 29.18 -21.82 -31.91
CA VAL A 179 30.59 -21.92 -31.55
C VAL A 179 30.88 -23.29 -30.92
N GLY A 180 29.91 -23.86 -30.21
CA GLY A 180 30.03 -25.21 -29.67
C GLY A 180 30.13 -26.31 -30.71
N PHE A 181 29.21 -26.34 -31.67
CA PHE A 181 29.18 -27.45 -32.64
C PHE A 181 30.23 -27.30 -33.73
N VAL A 182 30.66 -26.07 -34.04
CA VAL A 182 31.69 -25.90 -35.06
C VAL A 182 33.03 -26.44 -34.58
N SER A 183 33.39 -26.15 -33.32
CA SER A 183 34.71 -26.53 -32.84
C SER A 183 34.81 -28.03 -32.56
N ALA A 184 33.89 -28.56 -31.76
CA ALA A 184 33.90 -29.99 -31.45
C ALA A 184 32.48 -30.43 -31.13
N TRP A 185 31.83 -31.08 -32.10
CA TRP A 185 30.42 -31.40 -31.95
C TRP A 185 30.17 -32.71 -31.19
N LYS A 186 31.21 -33.51 -30.96
CA LYS A 186 31.01 -34.73 -30.19
C LYS A 186 31.03 -34.48 -28.69
N LEU A 187 31.44 -33.30 -28.24
CA LEU A 187 31.27 -32.88 -26.86
C LEU A 187 30.12 -31.89 -26.69
N ALA A 188 29.59 -31.35 -27.79
CA ALA A 188 28.46 -30.43 -27.75
C ALA A 188 27.12 -31.15 -27.65
N LEU A 189 27.13 -32.44 -27.34
CA LEU A 189 25.93 -33.17 -26.95
C LEU A 189 26.01 -33.74 -25.54
N LEU A 190 27.18 -34.22 -25.12
CA LEU A 190 27.40 -34.56 -23.72
C LEU A 190 27.24 -33.33 -22.83
N SER A 191 27.78 -32.19 -23.25
CA SER A 191 27.68 -30.97 -22.46
C SER A 191 26.27 -30.42 -22.44
N VAL A 192 25.45 -30.73 -23.44
CA VAL A 192 24.09 -30.21 -23.47
C VAL A 192 23.09 -31.12 -22.77
N ALA A 193 23.12 -32.43 -23.06
CA ALA A 193 22.12 -33.36 -22.53
C ALA A 193 22.22 -33.59 -21.03
N VAL A 194 23.35 -33.24 -20.41
CA VAL A 194 23.45 -33.38 -18.96
C VAL A 194 22.63 -32.30 -18.24
N ILE A 195 22.60 -31.08 -18.78
CA ILE A 195 21.92 -29.89 -18.24
C ILE A 195 20.48 -30.13 -17.74
N PRO A 196 19.63 -30.95 -18.38
CA PRO A 196 18.35 -31.29 -17.72
C PRO A 196 18.48 -32.20 -16.50
N GLY A 197 19.67 -32.69 -16.18
CA GLY A 197 19.86 -33.41 -14.93
C GLY A 197 20.15 -32.45 -13.78
N ILE A 198 20.41 -31.19 -14.12
CA ILE A 198 20.59 -30.15 -13.12
C ILE A 198 19.28 -29.43 -12.82
N ALA A 199 18.55 -29.06 -13.88
CA ALA A 199 17.30 -28.32 -13.74
C ALA A 199 16.16 -29.17 -13.17
N PHE A 200 16.17 -30.49 -13.42
CA PHE A 200 15.17 -31.36 -12.82
C PHE A 200 15.34 -31.42 -11.31
N ALA A 201 16.57 -31.56 -10.84
CA ALA A 201 16.84 -31.42 -9.42
C ALA A 201 16.84 -29.97 -8.96
N GLY A 202 16.99 -29.02 -9.90
CA GLY A 202 16.86 -27.62 -9.55
C GLY A 202 15.43 -27.12 -9.49
N GLY A 203 14.49 -27.91 -9.98
CA GLY A 203 13.08 -27.54 -9.94
C GLY A 203 12.34 -28.33 -8.89
N LEU A 204 12.93 -29.46 -8.47
CA LEU A 204 12.39 -30.22 -7.36
C LEU A 204 12.55 -29.46 -6.04
N TYR A 205 13.57 -28.61 -5.94
CA TYR A 205 13.73 -27.75 -4.78
C TYR A 205 12.63 -26.71 -4.71
N ALA A 206 12.43 -25.96 -5.78
CA ALA A 206 11.43 -24.89 -5.81
C ALA A 206 10.00 -25.42 -5.80
N TYR A 207 9.80 -26.70 -6.07
CA TYR A 207 8.48 -27.32 -5.96
C TYR A 207 8.11 -27.58 -4.50
N THR A 208 8.96 -28.30 -3.77
CA THR A 208 8.67 -28.61 -2.38
C THR A 208 8.88 -27.42 -1.46
N LEU A 209 9.56 -26.37 -1.94
CA LEU A 209 9.63 -25.14 -1.16
C LEU A 209 8.26 -24.49 -1.02
N THR A 210 7.47 -24.48 -2.10
CA THR A 210 6.10 -23.99 -2.03
C THR A 210 5.23 -24.91 -1.17
N GLY A 211 5.42 -26.23 -1.29
CA GLY A 211 4.66 -27.22 -0.55
C GLY A 211 4.84 -27.20 0.95
N ILE A 212 5.85 -26.53 1.47
CA ILE A 212 6.03 -26.36 2.90
C ILE A 212 5.72 -24.93 3.35
N THR A 213 6.06 -23.93 2.53
CA THR A 213 5.72 -22.54 2.84
C THR A 213 4.22 -22.33 2.89
N SER A 214 3.48 -22.97 1.99
CA SER A 214 2.01 -22.93 2.02
C SER A 214 1.43 -23.62 3.24
N LYS A 215 2.15 -24.55 3.86
CA LYS A 215 1.73 -25.08 5.14
C LYS A 215 1.99 -24.12 6.29
N SER A 216 2.96 -23.22 6.13
CA SER A 216 3.21 -22.16 7.10
C SER A 216 2.33 -20.94 6.86
N ARG A 217 2.05 -20.66 5.58
CA ARG A 217 1.16 -19.56 5.23
C ARG A 217 -0.28 -19.83 5.67
N GLU A 218 -0.71 -21.09 5.61
CA GLU A 218 -2.08 -21.41 5.99
C GLU A 218 -2.23 -21.57 7.49
N SER A 219 -1.23 -22.12 8.17
CA SER A 219 -1.33 -22.35 9.61
C SER A 219 -1.24 -21.08 10.44
N TYR A 220 -0.81 -19.97 9.86
CA TYR A 220 -0.74 -18.71 10.59
C TYR A 220 -2.09 -18.00 10.68
N ALA A 221 -2.98 -18.18 9.70
CA ALA A 221 -4.28 -17.52 9.71
C ALA A 221 -5.18 -18.01 10.84
N ASN A 222 -4.91 -19.19 11.40
CA ASN A 222 -5.57 -19.58 12.64
C ASN A 222 -5.18 -18.66 13.79
N ALA A 223 -3.92 -18.21 13.81
CA ALA A 223 -3.46 -17.23 14.79
C ALA A 223 -3.75 -15.81 14.35
N GLY A 224 -4.14 -15.60 13.10
CA GLY A 224 -4.42 -14.28 12.59
C GLY A 224 -5.79 -13.74 12.93
N VAL A 225 -6.61 -14.53 13.61
CA VAL A 225 -7.88 -14.06 14.14
C VAL A 225 -7.90 -14.00 15.65
N ILE A 226 -6.96 -14.67 16.33
CA ILE A 226 -6.85 -14.54 17.78
C ILE A 226 -6.17 -13.22 18.14
N ALA A 227 -5.14 -12.85 17.38
CA ALA A 227 -4.54 -11.53 17.50
C ALA A 227 -5.32 -10.46 16.74
N GLU A 228 -6.52 -10.77 16.27
CA GLU A 228 -7.42 -9.81 15.64
C GLU A 228 -8.65 -9.51 16.49
N GLN A 229 -9.22 -10.53 17.12
CA GLN A 229 -10.35 -10.29 18.02
C GLN A 229 -9.90 -9.69 19.34
N ALA A 230 -8.61 -9.81 19.67
CA ALA A 230 -8.12 -9.16 20.87
C ALA A 230 -7.55 -7.77 20.61
N ILE A 231 -7.71 -7.23 19.40
CA ILE A 231 -7.35 -5.87 19.09
C ILE A 231 -8.56 -5.06 18.60
N ALA A 232 -9.38 -5.65 17.74
CA ALA A 232 -10.60 -4.97 17.28
C ALA A 232 -11.64 -4.83 18.38
N GLN A 233 -11.48 -5.55 19.49
CA GLN A 233 -12.34 -5.42 20.66
C GLN A 233 -11.54 -5.05 21.90
N VAL A 234 -10.58 -4.13 21.74
CA VAL A 234 -9.65 -3.78 22.81
C VAL A 234 -10.34 -3.03 23.95
N ARG A 235 -11.51 -2.46 23.69
CA ARG A 235 -12.32 -1.90 24.78
C ARG A 235 -12.78 -2.99 25.73
N THR A 236 -13.19 -4.15 25.20
CA THR A 236 -13.65 -5.23 26.04
C THR A 236 -12.48 -5.94 26.73
N VAL A 237 -11.40 -6.17 25.98
CA VAL A 237 -10.25 -6.92 26.48
C VAL A 237 -9.55 -6.16 27.62
N TYR A 238 -9.56 -4.83 27.56
CA TYR A 238 -9.05 -4.06 28.69
C TYR A 238 -10.03 -3.94 29.84
N SER A 239 -11.35 -4.02 29.55
CA SER A 239 -12.36 -3.78 30.58
C SER A 239 -12.36 -4.88 31.63
N TYR A 240 -12.25 -6.12 31.19
CA TYR A 240 -11.97 -7.24 32.08
C TYR A 240 -10.46 -7.40 32.09
N VAL A 241 -9.94 -8.18 33.01
CA VAL A 241 -8.52 -8.51 32.92
C VAL A 241 -8.37 -9.76 32.07
N GLY A 242 -8.39 -9.58 30.75
CA GLY A 242 -8.34 -10.70 29.84
C GLY A 242 -7.24 -10.55 28.82
N GLU A 243 -6.15 -9.88 29.22
CA GLU A 243 -4.98 -9.73 28.39
C GLU A 243 -3.85 -10.68 28.79
N SER A 244 -3.93 -11.26 29.98
CA SER A 244 -2.94 -12.22 30.43
C SER A 244 -3.19 -13.60 29.84
N LYS A 245 -4.41 -13.87 29.38
CA LYS A 245 -4.71 -15.11 28.68
C LYS A 245 -5.01 -14.89 27.20
N ALA A 246 -4.80 -13.68 26.70
CA ALA A 246 -4.81 -13.43 25.26
C ALA A 246 -3.43 -13.61 24.65
N LEU A 247 -2.45 -14.01 25.46
CA LEU A 247 -1.15 -14.48 24.97
C LEU A 247 -1.04 -15.99 24.96
N ASN A 248 -1.72 -16.67 25.88
CA ASN A 248 -1.70 -18.13 25.91
C ASN A 248 -2.56 -18.75 24.81
N ALA A 249 -3.42 -17.96 24.17
CA ALA A 249 -4.03 -18.40 22.93
C ALA A 249 -3.32 -17.84 21.70
N TYR A 250 -2.21 -17.12 21.90
CA TYR A 250 -1.36 -16.73 20.78
C TYR A 250 0.02 -17.36 20.91
N SER A 251 0.35 -17.89 22.10
CA SER A 251 1.51 -18.76 22.22
C SER A 251 1.25 -20.12 21.57
N ASP A 252 0.10 -20.73 21.86
CA ASP A 252 -0.23 -22.06 21.36
C ASP A 252 -0.79 -22.06 19.95
N ALA A 253 -0.62 -20.97 19.20
CA ALA A 253 -0.95 -20.94 17.79
C ALA A 253 0.21 -20.40 16.95
N ILE A 254 1.39 -20.28 17.55
CA ILE A 254 2.62 -20.12 16.81
C ILE A 254 3.50 -21.37 16.87
N GLN A 255 3.34 -22.19 17.92
CA GLN A 255 4.06 -23.45 18.07
C GLN A 255 3.74 -24.45 16.96
N TYR A 256 2.63 -24.29 16.25
CA TYR A 256 2.32 -25.06 15.06
C TYR A 256 2.87 -24.42 13.79
N THR A 257 3.80 -23.48 13.93
CA THR A 257 4.57 -22.91 12.84
C THR A 257 6.07 -22.95 13.11
N LEU A 258 6.46 -23.01 14.38
CA LEU A 258 7.87 -23.18 14.75
C LEU A 258 8.38 -24.55 14.32
N LYS A 259 7.72 -25.62 14.78
CA LYS A 259 8.16 -26.97 14.46
C LYS A 259 7.86 -27.33 13.01
N LEU A 260 6.94 -26.60 12.37
CA LEU A 260 6.77 -26.74 10.94
C LEU A 260 7.76 -25.87 10.17
N GLY A 261 8.31 -24.84 10.81
CA GLY A 261 9.38 -24.07 10.22
C GLY A 261 10.75 -24.67 10.36
N TYR A 262 10.93 -25.65 11.25
CA TYR A 262 12.18 -26.39 11.34
C TYR A 262 12.48 -27.18 10.09
N LYS A 263 11.57 -28.07 9.69
CA LYS A 263 11.82 -29.00 8.59
C LYS A 263 11.74 -28.33 7.22
N ALA A 264 11.47 -27.03 7.17
CA ALA A 264 11.70 -26.24 5.96
C ALA A 264 13.15 -25.79 5.87
N GLY A 265 13.89 -25.86 6.97
CA GLY A 265 15.32 -25.62 6.94
C GLY A 265 16.04 -26.88 6.53
N MET A 266 15.38 -28.03 6.71
CA MET A 266 15.95 -29.27 6.20
C MET A 266 15.78 -29.36 4.68
N ALA A 267 14.68 -28.84 4.16
CA ALA A 267 14.42 -28.89 2.73
C ALA A 267 15.10 -27.77 1.96
N LYS A 268 15.99 -27.01 2.59
CA LYS A 268 16.87 -26.10 1.87
C LYS A 268 18.29 -26.63 1.78
N GLY A 269 18.74 -27.36 2.79
CA GLY A 269 20.05 -27.99 2.73
C GLY A 269 20.10 -29.09 1.67
N LEU A 270 19.14 -30.00 1.72
CA LEU A 270 19.07 -31.07 0.73
C LEU A 270 18.60 -30.59 -0.64
N GLY A 271 18.18 -29.34 -0.75
CA GLY A 271 17.86 -28.77 -2.05
C GLY A 271 19.05 -28.04 -2.64
N LEU A 272 19.98 -27.64 -1.79
CA LEU A 272 21.27 -27.14 -2.23
C LEU A 272 22.40 -28.13 -2.02
N GLY A 273 22.10 -29.31 -1.46
CA GLY A 273 23.09 -30.37 -1.42
C GLY A 273 22.95 -31.34 -2.57
N CYS A 274 21.71 -31.59 -3.00
CA CYS A 274 21.45 -32.43 -4.17
C CYS A 274 21.52 -31.64 -5.47
N THR A 275 22.02 -30.42 -5.43
CA THR A 275 22.34 -29.68 -6.64
C THR A 275 23.81 -29.74 -6.96
N TYR A 276 24.69 -29.50 -5.99
CA TYR A 276 26.11 -29.78 -6.17
C TYR A 276 26.45 -31.25 -6.00
N GLY A 277 25.48 -32.09 -5.65
CA GLY A 277 25.65 -33.51 -5.70
C GLY A 277 25.42 -34.10 -7.07
N ILE A 278 24.95 -33.30 -8.02
CA ILE A 278 24.81 -33.72 -9.41
C ILE A 278 25.74 -32.85 -10.26
N ALA A 279 25.95 -31.60 -9.82
CA ALA A 279 26.82 -30.70 -10.56
C ALA A 279 28.28 -31.16 -10.49
N CYS A 280 28.73 -31.58 -9.32
CA CYS A 280 30.06 -32.13 -9.22
C CYS A 280 30.14 -33.60 -9.63
N MET A 281 29.02 -34.18 -10.06
CA MET A 281 29.04 -35.45 -10.77
C MET A 281 28.65 -35.27 -12.22
N SER A 282 28.81 -34.06 -12.74
CA SER A 282 28.56 -33.75 -14.15
C SER A 282 29.76 -33.16 -14.85
N TRP A 283 30.65 -32.47 -14.14
CA TRP A 283 31.92 -32.09 -14.74
C TRP A 283 32.83 -33.31 -14.88
N ALA A 284 32.63 -34.32 -14.03
CA ALA A 284 33.41 -35.54 -14.16
C ALA A 284 33.04 -36.32 -15.41
N LEU A 285 31.80 -36.19 -15.88
CA LEU A 285 31.36 -36.91 -17.06
C LEU A 285 31.86 -36.23 -18.33
N VAL A 286 31.92 -34.89 -18.33
CA VAL A 286 32.30 -34.19 -19.54
C VAL A 286 33.80 -33.91 -19.59
N PHE A 287 34.54 -34.21 -18.52
CA PHE A 287 35.99 -34.20 -18.56
C PHE A 287 36.60 -35.59 -18.71
N TRP A 288 35.82 -36.65 -18.54
CA TRP A 288 36.37 -37.98 -18.82
C TRP A 288 36.41 -38.27 -20.30
N TYR A 289 35.32 -38.00 -21.02
CA TYR A 289 35.30 -38.19 -22.47
C TYR A 289 36.19 -37.21 -23.20
N ALA A 290 36.52 -36.06 -22.59
CA ALA A 290 37.54 -35.20 -23.18
C ALA A 290 38.90 -35.86 -23.14
N GLY A 291 39.17 -36.66 -22.12
CA GLY A 291 40.38 -37.45 -22.05
C GLY A 291 40.39 -38.67 -22.93
N VAL A 292 39.28 -38.98 -23.57
CA VAL A 292 39.19 -40.08 -24.51
C VAL A 292 39.41 -39.61 -25.94
N PHE A 293 38.76 -38.50 -26.34
CA PHE A 293 38.83 -38.00 -27.70
C PHE A 293 40.18 -37.37 -28.03
N ILE A 294 41.00 -37.06 -27.04
CA ILE A 294 42.34 -36.56 -27.31
C ILE A 294 43.32 -37.71 -27.58
N ARG A 295 43.27 -38.77 -26.77
CA ARG A 295 44.07 -39.97 -27.00
C ARG A 295 43.73 -40.67 -28.31
N ASN A 296 42.46 -40.73 -28.69
CA ASN A 296 42.08 -41.32 -29.97
C ASN A 296 42.37 -40.41 -31.14
N GLY A 297 42.72 -39.15 -30.90
CA GLY A 297 43.08 -38.23 -31.96
C GLY A 297 41.90 -37.71 -32.76
N GLN A 298 41.00 -36.99 -32.10
CA GLN A 298 39.89 -36.31 -32.76
C GLN A 298 39.83 -34.83 -32.45
N THR A 299 40.16 -34.44 -31.22
CA THR A 299 40.25 -33.04 -30.83
C THR A 299 41.60 -32.80 -30.16
N ASP A 300 41.77 -31.62 -29.56
CA ASP A 300 42.98 -31.32 -28.80
C ASP A 300 42.56 -30.58 -27.53
N GLY A 301 43.54 -30.30 -26.67
CA GLY A 301 43.31 -29.73 -25.36
C GLY A 301 42.85 -28.29 -25.31
N GLY A 302 42.72 -27.62 -26.45
CA GLY A 302 42.24 -26.25 -26.45
C GLY A 302 40.84 -26.12 -27.03
N LYS A 303 40.54 -26.92 -28.06
CA LYS A 303 39.20 -26.91 -28.65
C LYS A 303 38.18 -27.63 -27.78
N ALA A 304 38.63 -28.45 -26.84
CA ALA A 304 37.72 -29.02 -25.86
C ALA A 304 37.53 -28.12 -24.64
N PHE A 305 38.20 -26.98 -24.60
CA PHE A 305 37.83 -25.94 -23.63
C PHE A 305 36.66 -25.11 -24.13
N THR A 306 36.59 -24.89 -25.45
CA THR A 306 35.52 -24.08 -26.00
C THR A 306 34.20 -24.84 -26.02
N ALA A 307 34.20 -26.05 -26.57
CA ALA A 307 32.94 -26.76 -26.82
C ALA A 307 32.28 -27.23 -25.53
N ILE A 308 33.01 -27.24 -24.43
CA ILE A 308 32.38 -27.47 -23.14
C ILE A 308 31.78 -26.18 -22.61
N PHE A 309 32.60 -25.14 -22.44
CA PHE A 309 32.15 -23.92 -21.77
C PHE A 309 31.22 -23.07 -22.65
N SER A 310 31.22 -23.27 -23.96
CA SER A 310 30.26 -22.52 -24.77
C SER A 310 28.85 -23.07 -24.61
N ALA A 311 28.69 -24.38 -24.62
CA ALA A 311 27.37 -24.99 -24.56
C ALA A 311 26.78 -24.99 -23.16
N ILE A 312 27.57 -24.76 -22.12
CA ILE A 312 27.07 -24.70 -20.76
C ILE A 312 26.51 -23.33 -20.42
N VAL A 313 27.33 -22.27 -20.55
CA VAL A 313 26.81 -20.95 -20.24
C VAL A 313 25.94 -20.43 -21.37
N GLY A 314 25.97 -21.07 -22.54
CA GLY A 314 24.98 -20.79 -23.55
C GLY A 314 23.67 -21.49 -23.27
N GLY A 315 23.72 -22.75 -22.85
CA GLY A 315 22.52 -23.53 -22.61
C GLY A 315 21.84 -23.22 -21.30
N MET A 316 22.58 -22.64 -20.36
CA MET A 316 21.98 -22.27 -19.08
C MET A 316 21.30 -20.90 -19.17
N SER A 317 21.56 -20.14 -20.22
CA SER A 317 21.03 -18.79 -20.35
C SER A 317 19.70 -18.73 -21.07
N LEU A 318 18.89 -19.79 -20.98
CA LEU A 318 17.47 -19.66 -21.22
C LEU A 318 16.67 -19.56 -19.93
N GLY A 319 17.32 -19.71 -18.78
CA GLY A 319 16.69 -19.42 -17.52
C GLY A 319 16.53 -17.95 -17.22
N GLN A 320 17.12 -17.09 -18.04
CA GLN A 320 16.95 -15.65 -17.93
C GLN A 320 15.99 -15.09 -18.95
N SER A 321 15.99 -15.65 -20.17
CA SER A 321 15.09 -15.14 -21.22
C SER A 321 13.67 -15.58 -20.97
N PHE A 322 13.47 -16.66 -20.22
CA PHE A 322 12.14 -17.09 -19.82
C PHE A 322 11.78 -16.57 -18.43
N SER A 323 12.55 -15.62 -17.91
CA SER A 323 12.17 -14.91 -16.70
C SER A 323 11.45 -13.60 -17.00
N ASN A 324 11.47 -13.14 -18.24
CA ASN A 324 10.78 -11.92 -18.62
C ASN A 324 9.33 -12.13 -18.98
N LEU A 325 8.89 -13.38 -19.12
CA LEU A 325 7.51 -13.67 -19.51
C LEU A 325 6.51 -13.35 -18.41
N GLY A 326 6.94 -13.32 -17.15
CA GLY A 326 6.05 -12.91 -16.08
C GLY A 326 5.69 -11.44 -16.16
N ALA A 327 6.61 -10.62 -16.65
CA ALA A 327 6.35 -9.19 -16.83
C ALA A 327 5.74 -8.87 -18.19
N PHE A 328 5.63 -9.85 -19.08
CA PHE A 328 4.94 -9.65 -20.36
C PHE A 328 3.46 -9.97 -20.27
N SER A 329 3.05 -10.86 -19.37
CA SER A 329 1.63 -11.13 -19.16
C SER A 329 0.94 -10.05 -18.35
N LYS A 330 1.70 -9.17 -17.68
CA LYS A 330 1.09 -8.04 -17.03
C LYS A 330 0.92 -6.88 -18.00
N GLY A 331 1.66 -6.90 -19.11
CA GLY A 331 1.52 -5.87 -20.12
C GLY A 331 0.30 -6.01 -21.01
N LYS A 332 0.03 -7.22 -21.51
CA LYS A 332 -1.12 -7.47 -22.36
C LYS A 332 -2.44 -7.31 -21.64
N ALA A 333 -2.45 -7.48 -20.31
CA ALA A 333 -3.68 -7.30 -19.55
C ALA A 333 -3.93 -5.83 -19.24
N ALA A 334 -2.95 -5.17 -18.60
CA ALA A 334 -3.13 -3.78 -18.20
C ALA A 334 -3.11 -2.82 -19.39
N GLY A 335 -2.58 -3.25 -20.53
CA GLY A 335 -2.64 -2.42 -21.71
C GLY A 335 -4.02 -2.36 -22.34
N TYR A 336 -4.82 -3.40 -22.16
CA TYR A 336 -6.15 -3.46 -22.78
C TYR A 336 -7.15 -2.53 -22.12
N LYS A 337 -7.03 -2.31 -20.81
CA LYS A 337 -7.89 -1.36 -20.13
C LYS A 337 -7.62 0.07 -20.59
N LEU A 338 -6.37 0.40 -20.86
CA LEU A 338 -6.02 1.72 -21.35
C LEU A 338 -6.52 1.94 -22.78
N MET A 339 -6.55 0.86 -23.58
CA MET A 339 -6.87 0.96 -25.00
C MET A 339 -8.37 0.85 -25.28
N GLU A 340 -9.20 0.61 -24.27
CA GLU A 340 -10.63 0.54 -24.48
C GLU A 340 -11.37 1.77 -24.00
N ILE A 341 -10.77 2.56 -23.11
CA ILE A 341 -11.33 3.86 -22.74
C ILE A 341 -11.11 4.89 -23.83
N ILE A 342 -10.01 4.82 -24.57
CA ILE A 342 -9.71 5.77 -25.65
C ILE A 342 -10.76 5.70 -26.75
N ASN A 343 -11.14 4.48 -27.15
CA ASN A 343 -12.13 4.32 -28.21
C ASN A 343 -13.48 3.85 -27.68
N GLN A 344 -13.82 4.25 -26.47
CA GLN A 344 -15.19 4.15 -25.99
C GLN A 344 -15.97 5.35 -26.48
N ARG A 345 -17.05 5.08 -27.22
CA ARG A 345 -17.76 6.12 -27.96
C ARG A 345 -18.74 6.82 -27.05
N PRO A 346 -18.64 8.13 -26.86
CA PRO A 346 -19.62 8.85 -26.03
C PRO A 346 -20.85 9.25 -26.85
N THR A 347 -21.82 9.81 -26.15
CA THR A 347 -23.09 10.21 -26.77
C THR A 347 -23.20 11.71 -26.94
N ILE A 348 -22.99 12.47 -25.87
CA ILE A 348 -23.15 13.93 -25.91
C ILE A 348 -21.80 14.51 -26.32
N ILE A 349 -21.60 14.68 -27.63
CA ILE A 349 -20.36 15.25 -28.15
C ILE A 349 -20.65 16.64 -28.67
N GLN A 350 -19.58 17.40 -28.87
CA GLN A 350 -19.67 18.73 -29.45
C GLN A 350 -19.65 18.65 -30.98
N ASP A 351 -20.63 19.28 -31.62
CA ASP A 351 -20.67 19.38 -33.06
C ASP A 351 -20.37 20.82 -33.47
N PRO A 352 -19.14 21.16 -33.85
CA PRO A 352 -18.82 22.56 -34.15
C PRO A 352 -19.45 23.08 -35.43
N LEU A 353 -19.89 22.20 -36.33
CA LEU A 353 -20.57 22.61 -37.55
C LEU A 353 -22.07 22.34 -37.52
N ASP A 354 -22.50 21.27 -36.87
CA ASP A 354 -23.92 20.96 -36.72
C ASP A 354 -24.45 21.50 -35.39
N GLY A 355 -24.30 22.81 -35.23
CA GLY A 355 -24.74 23.48 -34.02
C GLY A 355 -25.07 24.93 -34.27
N LYS A 356 -25.95 25.50 -33.44
CA LYS A 356 -26.39 26.88 -33.59
C LYS A 356 -25.79 27.76 -32.50
N CYS A 357 -26.05 29.06 -32.62
CA CYS A 357 -25.51 30.04 -31.68
C CYS A 357 -26.49 31.21 -31.61
N LEU A 358 -27.22 31.32 -30.51
CA LEU A 358 -28.24 32.35 -30.37
C LEU A 358 -27.61 33.67 -29.95
N ASP A 359 -28.47 34.66 -29.69
CA ASP A 359 -28.06 35.96 -29.19
C ASP A 359 -29.24 36.62 -28.48
N GLN A 360 -28.93 37.36 -27.42
CA GLN A 360 -29.89 38.01 -26.51
C GLN A 360 -30.88 36.98 -25.96
N VAL A 361 -30.32 36.03 -25.20
CA VAL A 361 -31.14 35.01 -24.56
C VAL A 361 -31.88 35.62 -23.38
N HIS A 362 -32.98 34.98 -23.01
CA HIS A 362 -33.78 35.40 -21.87
C HIS A 362 -33.83 34.39 -20.75
N GLY A 363 -33.52 33.12 -21.03
CA GLY A 363 -33.50 32.12 -19.99
C GLY A 363 -34.85 31.63 -19.54
N ASN A 364 -35.80 31.48 -20.47
CA ASN A 364 -37.11 30.91 -20.14
C ASN A 364 -37.02 29.40 -20.28
N ILE A 365 -36.56 28.76 -19.21
CA ILE A 365 -36.42 27.31 -19.20
C ILE A 365 -37.77 26.68 -18.89
N GLU A 366 -38.16 25.69 -19.70
CA GLU A 366 -39.43 24.99 -19.51
C GLU A 366 -39.24 23.52 -19.80
N PHE A 367 -39.58 22.68 -18.82
CA PHE A 367 -39.54 21.23 -18.98
C PHE A 367 -40.95 20.78 -19.35
N LYS A 368 -41.09 20.10 -20.49
CA LYS A 368 -42.41 19.73 -21.03
C LYS A 368 -42.53 18.22 -21.02
N ASP A 369 -43.02 17.68 -19.90
CA ASP A 369 -43.16 16.24 -19.62
C ASP A 369 -41.84 15.50 -19.86
N VAL A 370 -40.85 15.85 -19.04
CA VAL A 370 -39.49 15.36 -19.20
C VAL A 370 -39.24 14.28 -18.16
N THR A 371 -39.07 13.05 -18.62
CA THR A 371 -38.78 11.92 -17.74
C THR A 371 -37.29 11.62 -17.79
N PHE A 372 -36.78 11.05 -16.70
CA PHE A 372 -35.35 10.86 -16.56
C PHE A 372 -35.08 9.86 -15.44
N SER A 373 -34.05 9.04 -15.65
CA SER A 373 -33.57 8.10 -14.64
C SER A 373 -32.06 8.01 -14.72
N TYR A 374 -31.46 7.45 -13.69
CA TYR A 374 -30.02 7.22 -13.70
C TYR A 374 -29.68 6.08 -14.66
N PRO A 375 -28.76 6.27 -15.60
CA PRO A 375 -28.40 5.17 -16.52
C PRO A 375 -27.63 4.04 -15.85
N SER A 376 -27.14 4.23 -14.63
CA SER A 376 -26.59 3.11 -13.87
C SER A 376 -27.66 2.10 -13.54
N ARG A 377 -28.82 2.56 -13.09
CA ARG A 377 -29.93 1.67 -12.77
C ARG A 377 -31.28 2.36 -13.02
N PRO A 378 -32.04 1.91 -14.02
CA PRO A 378 -33.33 2.53 -14.31
C PRO A 378 -34.48 2.02 -13.44
N ASP A 379 -34.16 1.34 -12.32
CA ASP A 379 -35.18 0.73 -11.48
C ASP A 379 -36.04 1.79 -10.80
N VAL A 380 -35.43 2.69 -10.03
CA VAL A 380 -36.15 3.78 -9.40
C VAL A 380 -36.50 4.82 -10.48
N MET A 381 -37.47 5.67 -10.20
CA MET A 381 -37.92 6.68 -11.15
C MET A 381 -37.83 8.05 -10.49
N ILE A 382 -37.28 9.02 -11.19
CA ILE A 382 -36.97 10.32 -10.60
C ILE A 382 -37.93 11.41 -11.09
N PHE A 383 -38.06 11.58 -12.41
CA PHE A 383 -38.82 12.70 -12.96
C PHE A 383 -40.01 12.27 -13.79
N ARG A 384 -40.82 11.35 -13.28
CA ARG A 384 -42.06 10.94 -13.93
C ARG A 384 -43.04 12.12 -13.98
N ASN A 385 -43.33 12.60 -15.20
CA ASN A 385 -44.26 13.69 -15.49
C ASN A 385 -43.86 14.98 -14.77
N PHE A 386 -42.68 15.48 -15.16
CA PHE A 386 -42.08 16.66 -14.55
C PHE A 386 -42.30 17.87 -15.44
N ASN A 387 -42.85 18.94 -14.87
CA ASN A 387 -43.26 20.12 -15.63
C ASN A 387 -43.11 21.37 -14.78
N ILE A 388 -42.05 22.15 -15.02
CA ILE A 388 -41.87 23.45 -14.38
C ILE A 388 -41.43 24.47 -15.43
N PHE A 389 -41.58 25.75 -15.08
CA PHE A 389 -41.16 26.85 -15.92
C PHE A 389 -40.29 27.79 -15.12
N PHE A 390 -39.27 28.34 -15.77
CA PHE A 390 -38.38 29.31 -15.14
C PHE A 390 -38.57 30.67 -15.78
N PRO A 391 -38.72 31.73 -14.98
CA PRO A 391 -38.95 33.08 -15.52
C PRO A 391 -37.67 33.69 -16.06
N SER A 392 -37.77 34.95 -16.46
CA SER A 392 -36.64 35.74 -16.93
C SER A 392 -36.40 36.88 -15.95
N GLY A 393 -35.22 36.88 -15.32
CA GLY A 393 -34.85 37.94 -14.40
C GLY A 393 -35.44 37.81 -13.02
N LYS A 394 -35.76 36.58 -12.60
CA LYS A 394 -36.30 36.33 -11.26
C LYS A 394 -35.55 35.17 -10.61
N THR A 395 -35.92 34.87 -9.38
CA THR A 395 -35.32 33.80 -8.60
C THR A 395 -36.39 32.80 -8.22
N VAL A 396 -36.10 31.51 -8.42
CA VAL A 396 -37.00 30.44 -7.99
C VAL A 396 -36.28 29.60 -6.95
N ALA A 397 -37.05 28.76 -6.26
CA ALA A 397 -36.51 27.93 -5.18
C ALA A 397 -37.12 26.54 -5.29
N VAL A 398 -36.45 25.65 -6.01
CA VAL A 398 -36.81 24.24 -6.05
C VAL A 398 -36.28 23.60 -4.78
N VAL A 399 -37.16 22.99 -4.00
CA VAL A 399 -36.81 22.53 -2.66
C VAL A 399 -37.50 21.21 -2.36
N GLY A 400 -36.72 20.26 -1.82
CA GLY A 400 -37.24 19.03 -1.28
C GLY A 400 -36.75 18.80 0.14
N GLY A 401 -37.19 17.68 0.71
CA GLY A 401 -36.83 17.34 2.07
C GLY A 401 -35.73 16.30 2.16
N SER A 402 -35.64 15.46 1.14
CA SER A 402 -34.68 14.35 1.13
C SER A 402 -34.28 14.11 -0.32
N GLY A 403 -33.69 12.95 -0.59
CA GLY A 403 -33.21 12.64 -1.93
C GLY A 403 -34.31 12.28 -2.90
N SER A 404 -35.16 13.26 -3.24
CA SER A 404 -36.18 13.12 -4.27
C SER A 404 -35.73 13.70 -5.60
N GLY A 405 -34.45 13.59 -5.93
CA GLY A 405 -33.91 14.30 -7.08
C GLY A 405 -33.70 15.77 -6.83
N LYS A 406 -33.24 16.12 -5.63
CA LYS A 406 -33.06 17.53 -5.26
C LYS A 406 -31.88 18.18 -6.00
N SER A 407 -30.86 17.42 -6.37
CA SER A 407 -29.73 17.95 -7.11
C SER A 407 -29.73 17.50 -8.57
N THR A 408 -30.79 16.87 -9.04
CA THR A 408 -30.89 16.41 -10.41
C THR A 408 -31.25 17.54 -11.36
N VAL A 409 -31.87 18.60 -10.86
CA VAL A 409 -32.29 19.73 -11.69
C VAL A 409 -31.08 20.47 -12.27
N VAL A 410 -30.06 20.72 -11.45
CA VAL A 410 -28.84 21.32 -11.98
C VAL A 410 -28.02 20.32 -12.78
N SER A 411 -28.24 19.02 -12.59
CA SER A 411 -27.53 17.98 -13.31
C SER A 411 -28.15 17.65 -14.65
N LEU A 412 -29.08 18.48 -15.14
CA LEU A 412 -29.75 18.22 -16.40
C LEU A 412 -29.63 19.42 -17.33
N ILE A 413 -29.57 20.63 -16.74
CA ILE A 413 -29.43 21.83 -17.56
C ILE A 413 -28.01 21.93 -18.11
N GLU A 414 -27.04 21.37 -17.41
CA GLU A 414 -25.66 21.30 -17.84
C GLU A 414 -25.42 20.32 -18.97
N ARG A 415 -26.42 19.51 -19.33
CA ARG A 415 -26.28 18.32 -20.17
C ARG A 415 -25.17 17.40 -19.65
N PHE A 416 -25.24 17.12 -18.34
CA PHE A 416 -24.44 16.03 -17.79
C PHE A 416 -25.01 14.69 -18.20
N TYR A 417 -26.28 14.66 -18.58
CA TYR A 417 -26.95 13.45 -19.04
C TYR A 417 -27.91 13.82 -20.18
N ASP A 418 -28.64 12.82 -20.64
CA ASP A 418 -29.77 13.13 -21.50
C ASP A 418 -31.06 12.62 -20.90
N PRO A 419 -32.16 13.34 -21.08
CA PRO A 419 -33.48 12.78 -20.72
C PRO A 419 -33.86 11.67 -21.69
N ASN A 420 -34.25 10.52 -21.14
CA ASN A 420 -34.60 9.39 -21.98
C ASN A 420 -35.92 9.60 -22.73
N SER A 421 -36.78 10.48 -22.24
CA SER A 421 -37.97 10.90 -22.95
C SER A 421 -38.33 12.30 -22.48
N GLY A 422 -38.44 13.23 -23.41
CA GLY A 422 -38.77 14.61 -23.08
C GLY A 422 -38.00 15.55 -23.97
N GLN A 423 -38.22 16.85 -23.74
CA GLN A 423 -37.55 17.89 -24.51
C GLN A 423 -37.33 19.10 -23.62
N ILE A 424 -36.20 19.77 -23.81
CA ILE A 424 -35.81 20.94 -23.02
C ILE A 424 -35.53 22.08 -23.99
N LEU A 425 -36.23 23.19 -23.81
CA LEU A 425 -36.14 24.33 -24.70
C LEU A 425 -35.72 25.57 -23.92
N LEU A 426 -34.86 26.37 -24.52
CA LEU A 426 -34.42 27.65 -23.96
C LEU A 426 -34.94 28.75 -24.88
N ASP A 427 -35.88 29.56 -24.38
CA ASP A 427 -36.50 30.69 -25.09
C ASP A 427 -37.14 30.24 -26.40
N GLY A 428 -37.74 29.06 -26.40
CA GLY A 428 -38.31 28.49 -27.59
C GLY A 428 -37.33 27.80 -28.50
N VAL A 429 -36.09 27.61 -28.05
CA VAL A 429 -35.05 26.93 -28.83
C VAL A 429 -34.49 25.80 -27.98
N GLU A 430 -34.48 24.59 -28.53
CA GLU A 430 -34.04 23.43 -27.76
C GLU A 430 -32.52 23.36 -27.69
N ILE A 431 -32.01 22.87 -26.56
CA ILE A 431 -30.58 22.85 -26.32
C ILE A 431 -29.87 21.67 -26.96
N LYS A 432 -30.62 20.68 -27.48
CA LYS A 432 -30.00 19.56 -28.15
C LYS A 432 -29.57 19.88 -29.57
N THR A 433 -29.86 21.08 -30.06
CA THR A 433 -29.36 21.57 -31.34
C THR A 433 -28.26 22.61 -31.15
N LEU A 434 -27.61 22.62 -30.00
CA LEU A 434 -26.61 23.62 -29.66
C LEU A 434 -25.30 22.95 -29.27
N GLN A 435 -24.22 23.67 -29.48
CA GLN A 435 -22.88 23.21 -29.13
C GLN A 435 -22.61 23.43 -27.64
N LEU A 436 -21.65 22.68 -27.11
CA LEU A 436 -21.26 22.82 -25.71
C LEU A 436 -20.12 23.81 -25.53
N LYS A 437 -20.25 24.99 -26.13
CA LYS A 437 -19.44 26.15 -25.77
C LYS A 437 -20.27 27.40 -25.64
N PHE A 438 -21.45 27.45 -26.23
CA PHE A 438 -22.39 28.55 -26.04
C PHE A 438 -23.31 28.33 -24.85
N LEU A 439 -23.56 27.06 -24.50
CA LEU A 439 -24.43 26.76 -23.38
C LEU A 439 -23.69 26.82 -22.05
N ARG A 440 -22.63 26.02 -21.90
CA ARG A 440 -21.95 25.89 -20.61
C ARG A 440 -21.18 27.13 -20.21
N GLU A 441 -20.82 27.99 -21.17
CA GLU A 441 -20.15 29.24 -20.83
C GLU A 441 -21.11 30.22 -20.14
N GLN A 442 -22.40 30.11 -20.40
CA GLN A 442 -23.35 31.05 -19.84
C GLN A 442 -23.95 30.62 -18.52
N ILE A 443 -23.51 29.50 -17.94
CA ILE A 443 -24.06 28.98 -16.71
C ILE A 443 -22.94 28.81 -15.69
N GLY A 444 -23.09 29.43 -14.53
CA GLY A 444 -22.17 29.28 -13.42
C GLY A 444 -22.69 28.23 -12.44
N LEU A 445 -21.78 27.52 -11.81
CA LEU A 445 -22.13 26.43 -10.89
C LEU A 445 -21.37 26.58 -9.59
N VAL A 446 -22.10 26.54 -8.48
CA VAL A 446 -21.54 26.53 -7.14
C VAL A 446 -22.16 25.33 -6.42
N ASN A 447 -21.33 24.51 -5.78
CA ASN A 447 -21.85 23.34 -5.09
C ASN A 447 -21.06 22.97 -3.84
N GLN A 448 -21.31 21.78 -3.30
CA GLN A 448 -20.65 21.35 -2.07
C GLN A 448 -19.20 20.97 -2.33
N GLU A 449 -18.38 21.13 -1.27
CA GLU A 449 -16.91 21.03 -1.20
C GLU A 449 -16.28 21.65 -2.45
N PRO A 450 -16.26 22.98 -2.53
CA PRO A 450 -15.99 23.67 -3.80
C PRO A 450 -14.57 23.43 -4.29
N ALA A 451 -14.44 23.32 -5.61
CA ALA A 451 -13.22 22.83 -6.24
C ALA A 451 -12.17 23.92 -6.24
N LEU A 452 -11.09 23.71 -5.49
CA LEU A 452 -9.90 24.54 -5.56
C LEU A 452 -8.75 23.69 -6.08
N PHE A 453 -8.38 23.90 -7.33
CA PHE A 453 -7.26 23.22 -7.93
C PHE A 453 -5.97 23.75 -7.32
N ALA A 454 -4.95 22.89 -7.25
CA ALA A 454 -3.71 23.21 -6.54
C ALA A 454 -2.90 24.21 -7.38
N THR A 455 -3.30 25.47 -7.30
CA THR A 455 -2.63 26.59 -7.97
C THR A 455 -2.69 27.76 -6.98
N THR A 456 -2.41 28.97 -7.44
CA THR A 456 -2.53 30.15 -6.61
C THR A 456 -3.99 30.61 -6.54
N ILE A 457 -4.18 31.81 -6.00
CA ILE A 457 -5.53 32.37 -5.90
C ILE A 457 -5.71 33.42 -6.99
N LEU A 458 -4.82 33.42 -7.97
CA LEU A 458 -5.02 34.23 -9.16
C LEU A 458 -5.45 33.39 -10.37
N GLU A 459 -4.95 32.17 -10.49
CA GLU A 459 -5.30 31.32 -11.62
C GLU A 459 -6.62 30.59 -11.43
N ASN A 460 -7.06 30.37 -10.19
CA ASN A 460 -8.37 29.77 -9.98
C ASN A 460 -9.48 30.72 -10.40
N ILE A 461 -9.28 32.02 -10.19
CA ILE A 461 -10.30 32.99 -10.56
C ILE A 461 -10.31 33.19 -12.08
N LEU A 462 -9.18 33.00 -12.74
CA LEU A 462 -9.09 33.13 -14.19
C LEU A 462 -9.65 31.94 -14.96
N TYR A 463 -10.25 30.95 -14.30
CA TYR A 463 -10.93 29.90 -15.06
C TYR A 463 -12.25 30.39 -15.64
N GLY A 464 -12.84 31.45 -15.08
CA GLY A 464 -14.02 32.04 -15.70
C GLY A 464 -13.70 32.71 -17.02
N LYS A 465 -12.59 33.42 -17.08
CA LYS A 465 -12.09 34.06 -18.29
C LYS A 465 -10.57 34.13 -18.16
N PRO A 466 -9.81 33.68 -19.17
CA PRO A 466 -8.36 33.56 -18.96
C PRO A 466 -7.64 34.90 -18.95
N ASP A 467 -8.11 35.89 -19.70
CA ASP A 467 -7.42 37.18 -19.76
C ASP A 467 -8.49 38.26 -19.97
N ALA A 468 -8.81 38.97 -18.89
CA ALA A 468 -9.57 40.21 -19.02
C ALA A 468 -8.75 41.42 -18.56
N THR A 469 -8.34 41.45 -17.29
CA THR A 469 -7.48 42.46 -16.68
C THR A 469 -7.11 41.96 -15.29
N MET A 470 -6.39 42.79 -14.54
CA MET A 470 -6.09 42.52 -13.14
C MET A 470 -7.10 43.12 -12.18
N VAL A 471 -7.65 44.30 -12.50
CA VAL A 471 -8.48 45.02 -11.54
C VAL A 471 -9.88 44.44 -11.40
N GLU A 472 -10.39 43.74 -12.42
CA GLU A 472 -11.69 43.10 -12.28
C GLU A 472 -11.63 41.85 -11.42
N VAL A 473 -10.43 41.26 -11.26
CA VAL A 473 -10.28 40.17 -10.31
C VAL A 473 -10.43 40.68 -8.88
N GLU A 474 -9.88 41.87 -8.61
CA GLU A 474 -10.03 42.49 -7.30
C GLU A 474 -11.47 42.94 -7.06
N ALA A 475 -12.15 43.41 -8.12
CA ALA A 475 -13.55 43.79 -7.99
C ALA A 475 -14.44 42.59 -7.78
N ALA A 476 -14.04 41.42 -8.28
CA ALA A 476 -14.81 40.20 -8.07
C ALA A 476 -14.72 39.73 -6.63
N ALA A 477 -13.51 39.68 -6.08
CA ALA A 477 -13.32 39.31 -4.68
C ALA A 477 -13.70 40.41 -3.71
N SER A 478 -13.99 41.62 -4.20
CA SER A 478 -14.47 42.70 -3.34
C SER A 478 -15.84 42.37 -2.77
N ALA A 479 -16.80 42.09 -3.64
CA ALA A 479 -18.14 41.67 -3.22
C ALA A 479 -18.22 40.16 -3.04
N ALA A 480 -17.24 39.60 -2.33
CA ALA A 480 -17.21 38.16 -2.08
C ALA A 480 -16.77 37.83 -0.67
N ASN A 481 -16.63 38.84 0.20
CA ASN A 481 -16.06 38.74 1.54
C ASN A 481 -14.68 38.07 1.52
N ALA A 482 -13.88 38.42 0.52
CA ALA A 482 -12.57 37.82 0.29
C ALA A 482 -11.44 38.81 0.25
N HIS A 483 -11.66 40.02 -0.30
CA HIS A 483 -10.60 41.00 -0.56
C HIS A 483 -9.89 41.44 0.72
N SER A 484 -10.60 41.56 1.83
CA SER A 484 -9.94 41.80 3.11
C SER A 484 -9.09 40.60 3.52
N PHE A 485 -9.59 39.39 3.29
CA PHE A 485 -8.89 38.19 3.73
C PHE A 485 -7.75 37.80 2.80
N ILE A 486 -7.75 38.26 1.54
CA ILE A 486 -6.66 37.91 0.63
C ILE A 486 -5.70 39.07 0.42
N THR A 487 -5.83 40.14 1.20
CA THR A 487 -4.75 41.12 1.34
C THR A 487 -4.10 41.05 2.71
N LEU A 488 -4.67 40.30 3.65
CA LEU A 488 -4.01 39.94 4.89
C LEU A 488 -3.32 38.58 4.73
N LEU A 489 -2.50 38.50 3.68
CA LEU A 489 -1.73 37.33 3.33
C LEU A 489 -0.46 37.95 2.77
N PRO A 490 0.73 37.60 3.27
CA PRO A 490 1.92 38.40 2.94
C PRO A 490 2.53 38.12 1.58
N LYS A 491 1.70 37.98 0.54
CA LYS A 491 2.13 37.84 -0.85
C LYS A 491 1.07 38.45 -1.74
N GLY A 492 1.47 38.80 -2.96
CA GLY A 492 0.60 39.51 -3.89
C GLY A 492 -0.36 38.62 -4.66
N TYR A 493 -1.43 38.17 -3.99
CA TYR A 493 -2.40 37.19 -4.51
C TYR A 493 -1.72 35.91 -4.97
N ASP A 494 -0.75 35.44 -4.20
CA ASP A 494 0.03 34.27 -4.58
C ASP A 494 0.10 33.37 -3.37
N THR A 495 -0.83 32.44 -3.25
CA THR A 495 -0.89 31.56 -2.08
C THR A 495 -1.27 30.16 -2.55
N GLN A 496 -0.40 29.20 -2.28
CA GLN A 496 -0.64 27.81 -2.67
C GLN A 496 -1.75 27.23 -1.79
N VAL A 497 -2.84 26.82 -2.43
CA VAL A 497 -3.92 26.15 -1.72
C VAL A 497 -3.70 24.66 -1.63
N GLY A 498 -2.98 24.06 -2.59
CA GLY A 498 -2.67 22.65 -2.54
C GLY A 498 -1.62 22.32 -1.50
N GLU A 499 -0.43 22.86 -1.67
CA GLU A 499 0.61 22.76 -0.64
C GLU A 499 0.21 23.59 0.57
N ARG A 500 0.56 23.11 1.76
CA ARG A 500 0.13 23.74 3.01
C ARG A 500 1.15 24.78 3.45
N GLY A 501 1.35 25.79 2.59
CA GLY A 501 2.18 26.92 2.95
C GLY A 501 1.45 27.87 3.88
N VAL A 502 0.36 28.46 3.40
CA VAL A 502 -0.54 29.27 4.20
C VAL A 502 -1.92 28.64 4.11
N GLN A 503 -2.47 28.25 5.26
CA GLN A 503 -3.70 27.47 5.31
C GLN A 503 -4.88 28.38 5.58
N LEU A 504 -5.86 28.35 4.68
CA LEU A 504 -7.22 28.82 5.00
C LEU A 504 -8.10 27.66 5.45
N SER A 505 -7.55 26.83 6.34
CA SER A 505 -8.16 25.59 6.77
C SER A 505 -9.00 25.73 8.03
N GLY A 506 -9.53 26.92 8.30
CA GLY A 506 -10.41 27.09 9.43
C GLY A 506 -11.78 26.46 9.21
N GLY A 507 -12.60 26.48 10.26
CA GLY A 507 -13.95 25.98 10.14
C GLY A 507 -14.81 26.81 9.19
N GLN A 508 -14.50 28.10 9.10
CA GLN A 508 -15.11 28.97 8.10
C GLN A 508 -14.32 28.84 6.81
N LYS A 509 -14.77 27.96 5.93
CA LYS A 509 -14.18 27.85 4.60
C LYS A 509 -14.49 29.10 3.79
N GLN A 510 -13.46 29.91 3.58
CA GLN A 510 -13.60 31.19 2.90
C GLN A 510 -13.94 30.95 1.43
N ARG A 511 -15.15 31.33 1.03
CA ARG A 511 -15.68 30.96 -0.28
C ARG A 511 -15.13 31.91 -1.33
N ILE A 512 -13.95 31.54 -1.86
CA ILE A 512 -13.37 32.22 -3.01
C ILE A 512 -14.02 31.76 -4.31
N ALA A 513 -14.79 30.67 -4.27
CA ALA A 513 -15.37 30.10 -5.48
C ALA A 513 -16.48 30.97 -6.05
N ILE A 514 -17.03 31.88 -5.25
CA ILE A 514 -18.08 32.77 -5.73
C ILE A 514 -17.49 33.83 -6.66
N ALA A 515 -16.18 34.09 -6.55
CA ALA A 515 -15.52 34.99 -7.47
C ALA A 515 -15.46 34.41 -8.88
N ARG A 516 -15.36 33.08 -9.00
CA ARG A 516 -15.51 32.44 -10.30
C ARG A 516 -16.92 32.63 -10.84
N ALA A 517 -17.91 32.60 -9.96
CA ALA A 517 -19.29 32.82 -10.35
C ALA A 517 -19.56 34.28 -10.72
N MET A 518 -18.76 35.22 -10.23
CA MET A 518 -18.97 36.63 -10.50
C MET A 518 -18.15 37.14 -11.67
N LEU A 519 -16.92 36.65 -11.84
CA LEU A 519 -16.08 37.13 -12.94
C LEU A 519 -16.55 36.58 -14.28
N LYS A 520 -17.20 35.42 -14.27
CA LYS A 520 -17.60 34.76 -15.52
C LYS A 520 -18.73 35.50 -16.21
N ASP A 521 -19.51 36.27 -15.45
CA ASP A 521 -20.71 37.01 -15.85
C ASP A 521 -21.72 36.10 -16.56
N PRO A 522 -22.40 35.21 -15.85
CA PRO A 522 -23.32 34.28 -16.54
C PRO A 522 -24.73 34.85 -16.63
N LYS A 523 -25.44 34.43 -17.68
CA LYS A 523 -26.86 34.73 -17.76
C LYS A 523 -27.66 33.83 -16.84
N ILE A 524 -27.61 32.52 -17.06
CA ILE A 524 -28.23 31.56 -16.16
C ILE A 524 -27.22 31.28 -15.05
N LEU A 525 -27.70 31.06 -13.83
CA LEU A 525 -26.83 30.81 -12.69
C LEU A 525 -27.47 29.71 -11.84
N LEU A 526 -26.78 28.60 -11.66
CA LEU A 526 -27.31 27.47 -10.91
C LEU A 526 -26.58 27.34 -9.59
N LEU A 527 -27.15 27.91 -8.54
CA LEU A 527 -26.59 27.77 -7.20
C LEU A 527 -27.04 26.45 -6.59
N ASP A 528 -26.63 26.20 -5.35
CA ASP A 528 -26.97 24.96 -4.67
C ASP A 528 -26.97 25.25 -3.18
N GLU A 529 -27.03 24.20 -2.36
CA GLU A 529 -27.21 24.30 -0.91
C GLU A 529 -25.89 24.67 -0.24
N ALA A 530 -25.40 25.87 -0.55
CA ALA A 530 -24.03 26.24 -0.18
C ALA A 530 -23.94 26.85 1.22
N THR A 531 -24.56 26.18 2.20
CA THR A 531 -24.37 26.42 3.64
C THR A 531 -24.42 25.03 4.28
N SER A 532 -23.29 24.32 4.26
CA SER A 532 -23.21 23.01 4.90
C SER A 532 -21.88 22.85 5.60
N ALA A 533 -21.42 23.90 6.28
CA ALA A 533 -20.18 23.86 7.03
C ALA A 533 -20.44 24.10 8.52
N LEU A 534 -21.54 23.54 9.03
CA LEU A 534 -22.07 23.77 10.38
C LEU A 534 -22.26 25.28 10.62
N ASP A 535 -23.22 25.82 9.86
CA ASP A 535 -23.35 27.25 9.65
C ASP A 535 -23.68 28.01 10.94
N ALA A 536 -23.05 29.18 11.06
CA ALA A 536 -23.17 30.05 12.23
C ALA A 536 -22.99 31.47 11.73
N SER A 537 -22.56 32.36 12.63
CA SER A 537 -22.20 33.72 12.25
C SER A 537 -21.05 33.77 11.24
N SER A 538 -20.14 32.79 11.29
CA SER A 538 -19.07 32.72 10.31
C SER A 538 -19.60 32.40 8.91
N GLU A 539 -20.57 31.50 8.81
CA GLU A 539 -21.15 31.16 7.52
C GLU A 539 -22.34 32.04 7.15
N SER A 540 -22.72 32.98 8.00
CA SER A 540 -23.64 34.03 7.59
C SER A 540 -22.93 35.14 6.82
N ILE A 541 -21.61 35.24 6.97
CA ILE A 541 -20.82 36.21 6.22
C ILE A 541 -20.83 35.86 4.74
N VAL A 542 -20.63 34.59 4.39
CA VAL A 542 -20.71 34.16 3.01
C VAL A 542 -22.15 34.04 2.52
N GLN A 543 -23.12 34.06 3.44
CA GLN A 543 -24.52 34.03 3.03
C GLN A 543 -24.94 35.33 2.35
N GLU A 544 -24.59 36.47 2.95
CA GLU A 544 -24.94 37.75 2.36
C GLU A 544 -24.12 38.06 1.12
N ALA A 545 -22.95 37.42 0.96
CA ALA A 545 -22.23 37.51 -0.31
C ALA A 545 -23.01 36.84 -1.43
N LEU A 546 -23.66 35.72 -1.13
CA LEU A 546 -24.54 35.07 -2.10
C LEU A 546 -25.78 35.90 -2.39
N ASP A 547 -26.26 36.64 -1.40
CA ASP A 547 -27.52 37.37 -1.54
C ASP A 547 -27.39 38.64 -2.37
N ARG A 548 -26.17 39.11 -2.62
CA ARG A 548 -25.95 40.36 -3.34
C ARG A 548 -25.59 40.16 -4.80
N VAL A 549 -25.34 38.92 -5.23
CA VAL A 549 -24.93 38.68 -6.61
C VAL A 549 -26.13 38.32 -7.49
N MET A 550 -27.26 37.94 -6.90
CA MET A 550 -28.45 37.56 -7.65
C MET A 550 -29.22 38.83 -8.06
N VAL A 551 -28.64 39.57 -9.00
CA VAL A 551 -29.21 40.80 -9.51
C VAL A 551 -29.16 40.79 -11.04
N GLY A 552 -30.32 40.86 -11.67
CA GLY A 552 -30.40 40.89 -13.12
C GLY A 552 -30.02 39.61 -13.81
N ARG A 553 -30.10 38.48 -13.11
CA ARG A 553 -29.66 37.20 -13.64
C ARG A 553 -30.72 36.14 -13.36
N THR A 554 -31.07 35.37 -14.39
CA THR A 554 -31.94 34.20 -14.24
C THR A 554 -31.21 33.16 -13.38
N THR A 555 -31.79 32.88 -12.23
CA THR A 555 -31.15 31.97 -11.29
C THR A 555 -32.16 31.16 -10.50
N VAL A 556 -31.71 30.00 -10.03
CA VAL A 556 -32.50 29.13 -9.18
C VAL A 556 -31.86 29.12 -7.80
N VAL A 557 -32.58 28.54 -6.84
CA VAL A 557 -32.07 28.32 -5.48
C VAL A 557 -32.41 26.89 -5.13
N VAL A 558 -31.43 26.11 -4.68
CA VAL A 558 -31.69 24.81 -4.09
C VAL A 558 -31.34 24.89 -2.61
N ALA A 559 -32.26 24.46 -1.76
CA ALA A 559 -32.09 24.59 -0.32
C ALA A 559 -32.43 23.28 0.38
N HIS A 560 -31.76 23.04 1.50
CA HIS A 560 -32.06 21.94 2.41
C HIS A 560 -32.78 22.43 3.67
N ARG A 561 -32.24 23.45 4.31
CA ARG A 561 -32.84 24.06 5.49
C ARG A 561 -33.55 25.34 5.09
N LEU A 562 -34.78 25.51 5.57
CA LEU A 562 -35.65 26.59 5.15
C LEU A 562 -35.48 27.85 6.00
N CYS A 563 -34.42 27.96 6.79
CA CYS A 563 -34.18 29.17 7.57
C CYS A 563 -33.59 30.28 6.70
N THR A 564 -33.05 29.94 5.54
CA THR A 564 -32.48 30.91 4.61
C THR A 564 -33.33 31.11 3.37
N ILE A 565 -34.54 30.53 3.36
CA ILE A 565 -35.43 30.63 2.22
C ILE A 565 -36.50 31.70 2.40
N ARG A 566 -36.60 32.28 3.60
CA ARG A 566 -37.73 33.11 3.98
C ARG A 566 -37.77 34.45 3.25
N ASN A 567 -36.67 34.86 2.61
CA ASN A 567 -36.69 35.99 1.69
C ASN A 567 -36.28 35.48 0.31
N VAL A 568 -37.22 34.85 -0.37
CA VAL A 568 -37.10 34.35 -1.74
C VAL A 568 -38.44 34.59 -2.41
N ASP A 569 -38.42 35.23 -3.57
CA ASP A 569 -39.65 35.83 -4.09
C ASP A 569 -40.46 34.91 -5.00
N SER A 570 -40.09 33.63 -5.13
CA SER A 570 -40.92 32.62 -5.78
C SER A 570 -40.39 31.25 -5.37
N ILE A 571 -41.28 30.37 -4.93
CA ILE A 571 -40.92 29.04 -4.45
C ILE A 571 -41.81 28.01 -5.12
N ALA A 572 -41.19 27.04 -5.79
CA ALA A 572 -41.88 25.91 -6.39
C ALA A 572 -41.37 24.62 -5.78
N VAL A 573 -42.29 23.78 -5.32
CA VAL A 573 -41.97 22.60 -4.52
C VAL A 573 -42.34 21.35 -5.31
N ILE A 574 -41.41 20.42 -5.42
CA ILE A 574 -41.69 19.10 -5.97
C ILE A 574 -41.61 18.08 -4.83
N GLN A 575 -42.34 16.99 -4.97
CA GLN A 575 -42.31 15.91 -4.00
C GLN A 575 -41.85 14.59 -4.58
N GLN A 576 -42.48 14.13 -5.66
CA GLN A 576 -42.13 12.83 -6.26
C GLN A 576 -42.50 12.90 -7.74
N GLY A 577 -41.50 13.20 -8.57
CA GLY A 577 -41.68 13.21 -10.01
C GLY A 577 -42.33 14.45 -10.59
N GLN A 578 -43.15 15.17 -9.83
CA GLN A 578 -43.92 16.27 -10.38
C GLN A 578 -43.93 17.42 -9.39
N VAL A 579 -44.24 18.60 -9.90
CA VAL A 579 -44.40 19.78 -9.07
C VAL A 579 -45.72 19.67 -8.32
N VAL A 580 -45.73 20.11 -7.06
CA VAL A 580 -46.92 20.09 -6.23
C VAL A 580 -47.62 21.44 -6.19
N GLU A 581 -46.89 22.47 -5.76
CA GLU A 581 -47.50 23.79 -5.59
C GLU A 581 -46.46 24.86 -5.94
N THR A 582 -46.95 26.01 -6.39
CA THR A 582 -46.11 27.15 -6.71
C THR A 582 -46.48 28.35 -5.85
N GLY A 583 -45.88 29.50 -6.14
CA GLY A 583 -46.24 30.75 -5.49
C GLY A 583 -45.10 31.31 -4.65
N THR A 584 -45.46 32.35 -3.89
CA THR A 584 -44.51 33.07 -3.06
C THR A 584 -44.66 32.63 -1.60
N HIS A 585 -43.94 33.32 -0.71
CA HIS A 585 -43.93 32.97 0.72
C HIS A 585 -45.03 33.71 1.48
N GLU A 586 -46.26 33.61 0.97
CA GLU A 586 -47.44 34.02 1.73
C GLU A 586 -48.46 32.89 1.74
N GLU A 587 -48.53 32.14 0.64
CA GLU A 587 -49.40 30.98 0.56
C GLU A 587 -48.68 29.67 0.76
N LEU A 588 -47.34 29.66 0.70
CA LEU A 588 -46.58 28.47 1.08
C LEU A 588 -46.74 28.16 2.56
N ILE A 589 -46.65 29.17 3.42
CA ILE A 589 -46.93 29.01 4.84
C ILE A 589 -48.41 28.69 5.09
N ALA A 590 -49.30 29.10 4.18
CA ALA A 590 -50.71 28.78 4.29
C ALA A 590 -50.98 27.33 3.89
N LYS A 591 -52.22 26.90 4.15
CA LYS A 591 -52.92 25.70 3.68
C LYS A 591 -52.30 24.36 4.12
N SER A 592 -51.17 24.40 4.83
CA SER A 592 -50.49 23.23 5.42
C SER A 592 -50.17 22.15 4.38
N GLY A 593 -49.91 22.54 3.14
CA GLY A 593 -49.66 21.57 2.10
C GLY A 593 -48.21 21.17 1.99
N ALA A 594 -47.85 20.09 2.71
CA ALA A 594 -46.49 19.54 2.77
C ALA A 594 -45.45 20.58 3.18
N TYR A 595 -45.83 21.51 4.05
CA TYR A 595 -44.90 22.51 4.53
C TYR A 595 -44.93 22.59 6.05
N ALA A 596 -46.09 22.30 6.64
CA ALA A 596 -46.21 22.37 8.09
C ALA A 596 -45.53 21.18 8.77
N SER A 597 -45.58 20.01 8.14
CA SER A 597 -44.81 18.88 8.65
C SER A 597 -43.32 19.06 8.38
N LEU A 598 -42.97 19.77 7.31
CA LEU A 598 -41.57 19.95 6.95
C LEU A 598 -40.89 21.00 7.81
N ILE A 599 -41.62 22.02 8.27
CA ILE A 599 -41.04 22.90 9.27
C ILE A 599 -41.03 22.24 10.64
N ARG A 600 -41.90 21.24 10.86
CA ARG A 600 -41.77 20.40 12.03
C ARG A 600 -40.59 19.45 11.89
N PHE A 601 -40.29 19.04 10.64
CA PHE A 601 -39.07 18.27 10.38
C PHE A 601 -37.81 19.09 10.65
N GLN A 602 -37.91 20.41 10.51
CA GLN A 602 -36.78 21.28 10.83
C GLN A 602 -36.60 21.46 12.34
N GLU A 603 -37.66 21.28 13.12
CA GLU A 603 -37.58 21.49 14.56
C GLU A 603 -37.39 20.20 15.34
N MET A 604 -37.74 19.05 14.77
CA MET A 604 -37.56 17.78 15.45
C MET A 604 -36.13 17.26 15.37
N VAL A 605 -35.30 17.87 14.52
CA VAL A 605 -33.90 17.52 14.17
C VAL A 605 -33.59 16.03 14.13
N SER A 620 -13.65 12.59 -2.58
CA SER A 620 -13.83 12.67 -1.14
C SER A 620 -12.68 11.99 -0.40
N THR A 621 -12.80 11.91 0.93
CA THR A 621 -11.80 11.27 1.75
C THR A 621 -11.97 9.76 1.84
N ARG A 622 -13.02 9.21 1.23
CA ARG A 622 -13.21 7.77 1.22
C ARG A 622 -12.43 7.11 0.09
N LEU A 623 -12.10 7.87 -0.96
CA LEU A 623 -11.36 7.32 -2.09
C LEU A 623 -9.93 6.98 -1.70
N SER A 624 -9.34 7.77 -0.79
CA SER A 624 -7.97 7.51 -0.35
C SER A 624 -7.89 6.24 0.47
N HIS A 625 -9.00 5.82 1.08
CA HIS A 625 -9.06 4.49 1.68
C HIS A 625 -9.47 3.45 0.64
N SER A 626 -10.30 3.84 -0.33
CA SER A 626 -10.76 2.90 -1.35
C SER A 626 -9.64 2.55 -2.34
N LEU A 627 -8.80 3.52 -2.68
CA LEU A 627 -7.64 3.22 -3.52
C LEU A 627 -6.61 2.38 -2.77
N SER A 628 -6.51 2.57 -1.46
CA SER A 628 -5.55 1.80 -0.67
C SER A 628 -5.99 0.35 -0.48
N THR A 629 -7.28 0.06 -0.66
CA THR A 629 -7.73 -1.33 -0.63
C THR A 629 -7.45 -2.03 -1.95
N LYS A 630 -7.77 -1.38 -3.08
CA LYS A 630 -7.54 -1.98 -4.39
C LYS A 630 -6.05 -2.13 -4.68
N SER A 631 -5.23 -1.18 -4.22
CA SER A 631 -3.78 -1.35 -4.31
C SER A 631 -3.26 -2.43 -3.38
N LEU A 632 -3.96 -2.69 -2.27
CA LEU A 632 -3.56 -3.78 -1.39
C LEU A 632 -3.92 -5.12 -2.00
N SER A 633 -3.28 -6.18 -1.48
CA SER A 633 -3.42 -7.56 -1.94
C SER A 633 -3.08 -7.72 -3.43
N LEU A 634 -2.21 -6.86 -3.95
CA LEU A 634 -1.73 -6.98 -5.31
C LEU A 634 -0.24 -6.64 -5.41
N ARG A 635 0.40 -6.32 -4.30
CA ARG A 635 1.82 -5.99 -4.30
C ARG A 635 2.71 -7.20 -4.06
N SER A 636 2.15 -8.40 -3.99
CA SER A 636 2.95 -9.60 -3.84
C SER A 636 3.71 -9.98 -5.10
N GLY A 637 3.12 -9.79 -6.28
CA GLY A 637 3.75 -10.08 -7.55
C GLY A 637 4.48 -8.89 -8.14
N SER A 638 3.94 -7.69 -8.00
CA SER A 638 4.61 -6.50 -8.51
C SER A 638 5.68 -6.03 -7.53
N LEU A 639 6.72 -5.40 -8.08
CA LEU A 639 7.80 -4.90 -7.25
C LEU A 639 7.35 -3.67 -6.45
N ARG A 640 8.09 -3.37 -5.38
CA ARG A 640 7.76 -2.24 -4.53
C ARG A 640 8.14 -0.90 -5.13
N ASN A 641 8.95 -0.89 -6.19
CA ASN A 641 9.30 0.32 -6.91
C ASN A 641 8.36 0.58 -8.08
N LEU A 642 7.13 0.07 -8.02
CA LEU A 642 6.21 0.13 -9.14
C LEU A 642 4.85 0.70 -8.80
N SER A 643 4.36 0.53 -7.58
CA SER A 643 3.04 0.96 -7.17
C SER A 643 3.12 2.26 -6.37
N TYR A 644 1.99 2.66 -5.81
CA TYR A 644 1.90 3.84 -4.97
C TYR A 644 1.31 3.47 -3.62
N SER A 645 1.12 4.48 -2.77
CA SER A 645 0.44 4.32 -1.49
C SER A 645 -0.33 5.60 -1.24
N TYR A 646 -1.66 5.49 -1.20
CA TYR A 646 -2.52 6.66 -1.29
C TYR A 646 -2.92 7.16 0.08
N SER A 647 -3.12 8.48 0.18
CA SER A 647 -3.61 9.14 1.38
C SER A 647 -4.33 10.42 0.98
N THR A 648 -5.06 11.00 1.92
CA THR A 648 -5.72 12.27 1.67
C THR A 648 -4.75 13.43 1.56
N GLY A 649 -3.75 13.47 2.44
CA GLY A 649 -2.79 14.55 2.45
C GLY A 649 -3.44 15.88 2.84
N ALA A 650 -3.18 16.89 2.02
CA ALA A 650 -3.83 18.18 2.18
C ALA A 650 -5.20 18.15 1.51
N ASP A 651 -5.95 19.25 1.63
CA ASP A 651 -7.26 19.34 1.00
C ASP A 651 -7.18 20.02 -0.37
N GLY A 652 -6.23 19.58 -1.19
CA GLY A 652 -6.07 20.13 -2.52
C GLY A 652 -6.11 19.07 -3.60
N ARG A 653 -5.77 17.84 -3.25
CA ARG A 653 -5.65 16.74 -4.21
C ARG A 653 -5.64 15.42 -3.43
N ILE A 654 -5.47 14.33 -4.17
CA ILE A 654 -5.17 13.03 -3.58
C ILE A 654 -3.67 12.88 -3.52
N GLU A 655 -3.14 12.55 -2.34
CA GLU A 655 -1.70 12.47 -2.16
C GLU A 655 -1.19 11.09 -2.55
N MET A 656 -0.27 11.07 -3.51
CA MET A 656 0.28 9.84 -4.05
C MET A 656 1.74 9.73 -3.64
N ILE A 657 2.02 8.84 -2.70
CA ILE A 657 3.39 8.59 -2.28
C ILE A 657 3.93 7.46 -3.13
N SER A 658 5.18 7.59 -3.57
CA SER A 658 5.74 6.76 -4.63
C SER A 658 6.00 5.31 -4.26
N ASN A 659 5.83 4.93 -2.98
CA ASN A 659 5.98 3.59 -2.40
C ASN A 659 7.46 3.14 -2.39
N ALA A 660 8.35 3.96 -2.92
CA ALA A 660 9.78 3.84 -2.63
C ALA A 660 10.17 4.80 -1.50
N GLU A 661 9.40 4.73 -0.42
CA GLU A 661 9.67 5.50 0.79
C GLU A 661 10.51 4.73 1.79
N THR A 662 10.95 3.53 1.43
CA THR A 662 11.82 2.76 2.32
C THR A 662 13.22 3.35 2.38
N ASP A 663 13.62 4.12 1.36
CA ASP A 663 14.97 4.65 1.30
C ASP A 663 15.15 5.85 2.23
N ARG A 664 14.09 6.64 2.42
CA ARG A 664 14.21 7.94 3.10
C ARG A 664 13.11 8.13 4.12
N LYS A 665 12.70 7.05 4.80
CA LYS A 665 11.75 7.16 5.90
C LYS A 665 11.92 5.96 6.83
N THR A 666 11.61 6.18 8.11
CA THR A 666 11.62 5.20 9.19
C THR A 666 12.94 4.44 9.30
N ARG A 667 14.03 5.16 9.58
CA ARG A 667 15.31 4.51 9.80
C ARG A 667 15.35 3.88 11.19
N ALA A 668 15.91 2.66 11.23
CA ALA A 668 15.99 1.85 12.45
C ALA A 668 16.93 2.48 13.46
N PRO A 669 16.76 2.16 14.77
CA PRO A 669 17.75 2.58 15.77
C PRO A 669 19.13 1.98 15.51
N GLU A 670 20.17 2.73 15.88
CA GLU A 670 21.51 2.46 15.39
C GLU A 670 22.13 1.21 15.99
N ASN A 671 21.69 0.79 17.17
CA ASN A 671 22.31 -0.32 17.88
C ASN A 671 21.51 -1.60 17.70
N TYR A 672 20.82 -1.76 16.57
CA TYR A 672 19.88 -2.87 16.43
C TYR A 672 20.57 -4.17 16.12
N PHE A 673 21.74 -4.14 15.46
CA PHE A 673 22.43 -5.37 15.11
C PHE A 673 23.06 -6.02 16.33
N TYR A 674 23.25 -5.29 17.41
CA TYR A 674 23.63 -5.86 18.69
C TYR A 674 22.44 -6.25 19.54
N ARG A 675 21.33 -5.51 19.42
CA ARG A 675 20.13 -5.85 20.18
C ARG A 675 19.47 -7.12 19.67
N LEU A 676 19.34 -7.27 18.36
CA LEU A 676 18.76 -8.48 17.78
C LEU A 676 19.60 -9.72 18.05
N LEU A 677 20.91 -9.59 18.18
CA LEU A 677 21.71 -10.70 18.67
C LEU A 677 21.48 -10.97 20.16
N LYS A 678 21.20 -9.93 20.94
CA LYS A 678 20.96 -10.13 22.36
C LYS A 678 19.60 -10.77 22.62
N LEU A 679 18.60 -10.43 21.81
CA LEU A 679 17.29 -11.07 21.94
C LEU A 679 17.33 -12.51 21.46
N ASN A 680 18.33 -12.88 20.67
CA ASN A 680 18.43 -14.22 20.08
C ASN A 680 19.55 -15.02 20.73
N SER A 681 19.95 -14.67 21.94
CA SER A 681 21.09 -15.37 22.50
C SER A 681 20.94 -16.80 23.03
N PRO A 682 19.87 -17.15 23.76
CA PRO A 682 20.11 -18.41 24.49
C PRO A 682 20.62 -19.51 23.58
N GLU A 683 20.48 -19.35 22.27
CA GLU A 683 20.88 -20.38 21.32
C GLU A 683 22.28 -20.09 20.75
N TRP A 684 23.21 -19.76 21.63
CA TRP A 684 24.60 -19.75 21.18
C TRP A 684 25.19 -21.14 20.92
N PRO A 685 24.76 -22.24 21.54
CA PRO A 685 25.10 -23.56 20.98
C PRO A 685 24.62 -23.82 19.56
N TYR A 686 23.39 -23.42 19.19
CA TYR A 686 22.88 -23.68 17.84
C TYR A 686 23.45 -22.72 16.81
N SER A 687 24.24 -21.72 17.22
CA SER A 687 24.93 -20.84 16.29
C SER A 687 26.39 -21.19 16.09
N ILE A 688 27.07 -21.71 17.11
CA ILE A 688 28.43 -22.21 16.92
C ILE A 688 28.42 -23.49 16.10
N MET A 689 27.50 -24.40 16.37
CA MET A 689 27.35 -25.64 15.60
C MET A 689 26.97 -25.38 14.15
N GLY A 690 26.36 -24.24 13.86
CA GLY A 690 26.02 -23.89 12.50
C GLY A 690 27.15 -23.24 11.73
N ALA A 691 27.93 -22.39 12.40
CA ALA A 691 28.96 -21.61 11.73
C ALA A 691 30.24 -22.40 11.48
N VAL A 692 30.34 -23.63 11.99
CA VAL A 692 31.46 -24.51 11.66
C VAL A 692 30.97 -25.32 10.47
N GLY A 693 29.67 -25.27 10.22
CA GLY A 693 29.13 -25.85 9.01
C GLY A 693 29.01 -24.80 7.93
N SER A 694 29.49 -23.59 8.24
CA SER A 694 29.51 -22.51 7.27
C SER A 694 30.88 -22.30 6.64
N ILE A 695 31.95 -22.42 7.42
CA ILE A 695 33.30 -22.30 6.86
C ILE A 695 33.60 -23.49 5.95
N LEU A 696 33.10 -24.68 6.29
CA LEU A 696 33.26 -25.85 5.44
C LEU A 696 32.55 -25.71 4.09
N SER A 697 31.53 -24.85 4.00
CA SER A 697 30.85 -24.62 2.74
C SER A 697 31.59 -23.63 1.85
N GLY A 698 32.51 -22.85 2.40
CA GLY A 698 33.29 -21.95 1.57
C GLY A 698 34.46 -22.58 0.87
N PHE A 699 34.78 -23.82 1.21
CA PHE A 699 35.86 -24.55 0.58
C PHE A 699 35.45 -25.22 -0.73
N ILE A 700 34.23 -25.00 -1.20
CA ILE A 700 33.73 -25.71 -2.37
C ILE A 700 34.12 -24.91 -3.60
N GLY A 701 34.37 -23.62 -3.41
CA GLY A 701 34.82 -22.75 -4.48
C GLY A 701 36.18 -23.11 -5.03
N PRO A 702 37.23 -23.01 -4.21
CA PRO A 702 38.56 -23.42 -4.69
C PRO A 702 38.71 -24.92 -4.94
N THR A 703 37.86 -25.76 -4.35
CA THR A 703 37.93 -27.18 -4.69
C THR A 703 37.43 -27.42 -6.11
N PHE A 704 36.58 -26.55 -6.63
CA PHE A 704 36.28 -26.60 -8.05
C PHE A 704 37.41 -26.01 -8.88
N ALA A 705 37.92 -24.84 -8.50
CA ALA A 705 38.80 -24.08 -9.37
C ALA A 705 40.23 -24.61 -9.42
N ILE A 706 40.69 -25.35 -8.42
CA ILE A 706 42.05 -25.90 -8.43
C ILE A 706 42.09 -27.24 -9.16
N VAL A 707 40.99 -27.98 -9.16
CA VAL A 707 40.95 -29.22 -9.92
C VAL A 707 40.78 -28.92 -11.41
N MET A 708 39.87 -28.02 -11.75
CA MET A 708 39.60 -27.69 -13.14
C MET A 708 40.78 -26.94 -13.78
N SER A 709 41.64 -26.30 -12.98
CA SER A 709 42.84 -25.69 -13.51
C SER A 709 44.03 -26.64 -13.52
N ASN A 710 43.82 -27.91 -13.20
CA ASN A 710 44.83 -28.92 -13.42
C ASN A 710 44.57 -29.75 -14.67
N MET A 711 43.33 -29.85 -15.11
CA MET A 711 43.05 -30.61 -16.31
C MET A 711 43.35 -29.84 -17.59
N ILE A 712 43.53 -28.53 -17.50
CA ILE A 712 44.01 -27.78 -18.65
C ILE A 712 45.53 -27.87 -18.71
N GLU A 713 46.16 -28.42 -17.67
CA GLU A 713 47.56 -28.84 -17.78
C GLU A 713 47.66 -30.23 -18.39
N VAL A 714 46.87 -31.18 -17.86
CA VAL A 714 47.02 -32.59 -18.19
C VAL A 714 46.62 -32.89 -19.63
N PHE A 715 45.79 -32.04 -20.23
CA PHE A 715 45.46 -32.19 -21.65
C PHE A 715 46.61 -31.85 -22.59
N TYR A 716 47.77 -31.45 -22.08
CA TYR A 716 48.93 -31.18 -22.92
C TYR A 716 50.11 -32.07 -22.57
N TYR A 717 49.85 -33.28 -22.08
CA TYR A 717 50.90 -34.27 -21.94
C TYR A 717 51.17 -34.94 -23.28
N THR A 718 52.32 -35.62 -23.36
CA THR A 718 52.71 -36.35 -24.56
C THR A 718 52.87 -37.85 -24.29
N ASP A 719 52.63 -38.29 -23.07
CA ASP A 719 52.69 -39.71 -22.71
C ASP A 719 51.27 -40.14 -22.41
N TYR A 720 50.63 -40.81 -23.37
CA TYR A 720 49.18 -41.06 -23.34
C TYR A 720 48.75 -42.07 -22.28
N ASP A 721 49.66 -42.72 -21.56
CA ASP A 721 49.26 -43.47 -20.38
C ASP A 721 49.46 -42.67 -19.11
N SER A 722 50.23 -41.58 -19.17
CA SER A 722 50.32 -40.64 -18.07
C SER A 722 49.20 -39.61 -18.10
N MET A 723 48.40 -39.58 -19.17
CA MET A 723 47.18 -38.79 -19.16
C MET A 723 45.99 -39.67 -18.76
N GLU A 724 46.25 -40.87 -18.25
CA GLU A 724 45.19 -41.72 -17.74
C GLU A 724 45.30 -41.91 -16.23
N ARG A 725 46.50 -42.17 -15.75
CA ARG A 725 46.71 -42.36 -14.31
C ARG A 725 46.65 -41.05 -13.53
N LYS A 726 46.80 -39.90 -14.19
CA LYS A 726 46.55 -38.63 -13.53
C LYS A 726 45.28 -37.94 -14.01
N THR A 727 44.32 -38.68 -14.54
CA THR A 727 42.96 -38.18 -14.69
C THR A 727 41.95 -39.06 -13.97
N LYS A 728 42.41 -40.15 -13.35
CA LYS A 728 41.57 -40.86 -12.39
C LYS A 728 41.59 -40.16 -11.04
N GLU A 729 42.67 -39.44 -10.75
CA GLU A 729 42.70 -38.63 -9.55
C GLU A 729 41.77 -37.42 -9.67
N TYR A 730 41.57 -36.93 -10.88
CA TYR A 730 40.79 -35.71 -11.09
C TYR A 730 39.32 -35.99 -11.38
N VAL A 731 38.91 -37.26 -11.29
CA VAL A 731 37.50 -37.62 -11.31
C VAL A 731 37.03 -38.14 -9.95
N PHE A 732 37.93 -38.77 -9.18
CA PHE A 732 37.57 -39.19 -7.83
C PHE A 732 37.63 -38.05 -6.83
N ILE A 733 37.95 -36.83 -7.26
CA ILE A 733 37.85 -35.68 -6.36
C ILE A 733 36.55 -34.92 -6.61
N TYR A 734 36.11 -34.87 -7.87
CA TYR A 734 34.78 -34.31 -8.18
C TYR A 734 33.67 -35.13 -7.56
N ILE A 735 33.83 -36.45 -7.52
CA ILE A 735 32.88 -37.27 -6.78
C ILE A 735 33.09 -37.08 -5.28
N GLY A 736 34.34 -37.01 -4.85
CA GLY A 736 34.67 -36.79 -3.45
C GLY A 736 34.31 -35.43 -2.90
N ALA A 737 34.18 -34.42 -3.77
CA ALA A 737 33.65 -33.12 -3.38
C ALA A 737 32.24 -32.90 -3.93
N GLY A 738 31.53 -33.98 -4.21
CA GLY A 738 30.14 -33.88 -4.63
C GLY A 738 29.24 -34.39 -3.53
N LEU A 739 29.80 -35.24 -2.66
CA LEU A 739 29.14 -35.65 -1.44
C LEU A 739 29.50 -34.78 -0.26
N TYR A 740 30.66 -34.13 -0.31
CA TYR A 740 31.05 -33.11 0.67
C TYR A 740 30.05 -31.96 0.72
N ALA A 741 29.50 -31.57 -0.42
CA ALA A 741 28.55 -30.47 -0.47
C ALA A 741 27.17 -30.86 0.04
N VAL A 742 26.85 -32.14 0.09
CA VAL A 742 25.61 -32.58 0.74
C VAL A 742 25.70 -32.38 2.24
N GLY A 743 26.82 -32.77 2.83
CA GLY A 743 27.00 -32.65 4.27
C GLY A 743 27.61 -31.34 4.73
N ALA A 744 27.59 -30.32 3.87
CA ALA A 744 28.05 -29.00 4.30
C ALA A 744 27.10 -27.89 3.89
N TYR A 745 26.10 -28.19 3.07
CA TYR A 745 24.93 -27.33 2.96
C TYR A 745 23.79 -27.77 3.85
N LEU A 746 23.80 -29.03 4.32
CA LEU A 746 22.77 -29.48 5.23
C LEU A 746 22.97 -28.91 6.62
N ILE A 747 24.22 -28.78 7.06
CA ILE A 747 24.49 -28.20 8.37
C ILE A 747 24.22 -26.70 8.39
N GLN A 748 24.63 -25.97 7.35
CA GLN A 748 24.50 -24.52 7.36
C GLN A 748 23.06 -24.06 7.15
N HIS A 749 22.16 -24.94 6.71
CA HIS A 749 20.78 -24.53 6.48
C HIS A 749 19.76 -25.23 7.36
N TYR A 750 20.10 -26.35 8.02
CA TYR A 750 19.25 -26.84 9.09
C TYR A 750 19.50 -26.02 10.36
N PHE A 751 20.76 -25.75 10.65
CA PHE A 751 21.10 -24.68 11.59
C PHE A 751 21.11 -23.36 10.82
N PHE A 752 21.29 -22.26 11.54
CA PHE A 752 21.00 -20.88 11.09
C PHE A 752 19.56 -20.70 10.62
N SER A 753 18.66 -21.61 10.99
CA SER A 753 17.23 -21.43 10.85
C SER A 753 16.51 -21.87 12.10
N ILE A 754 17.11 -22.74 12.92
CA ILE A 754 16.67 -22.89 14.30
C ILE A 754 17.01 -21.63 15.07
N MET A 755 18.12 -20.98 14.73
CA MET A 755 18.38 -19.63 15.22
C MET A 755 17.47 -18.63 14.52
N GLY A 756 17.01 -18.96 13.32
CA GLY A 756 16.12 -18.09 12.57
C GLY A 756 14.65 -18.34 12.76
N GLU A 757 14.26 -19.28 13.62
CA GLU A 757 12.86 -19.48 13.96
C GLU A 757 12.60 -19.55 15.45
N ASN A 758 13.63 -19.41 16.29
CA ASN A 758 13.45 -18.94 17.65
C ASN A 758 13.80 -17.47 17.76
N LEU A 759 13.63 -16.72 16.68
CA LEU A 759 13.70 -15.27 16.70
C LEU A 759 12.46 -14.61 16.12
N THR A 760 11.81 -15.24 15.15
CA THR A 760 10.48 -14.81 14.73
C THR A 760 9.38 -15.49 15.54
N THR A 761 9.74 -16.11 16.66
CA THR A 761 8.80 -16.57 17.67
C THR A 761 8.88 -15.73 18.93
N ARG A 762 10.09 -15.47 19.42
CA ARG A 762 10.26 -14.65 20.63
C ARG A 762 9.92 -13.19 20.37
N VAL A 763 10.03 -12.72 19.13
CA VAL A 763 9.63 -11.35 18.83
C VAL A 763 8.11 -11.25 18.67
N ARG A 764 7.47 -12.27 18.08
CA ARG A 764 6.02 -12.22 17.91
C ARG A 764 5.26 -12.39 19.22
N ARG A 765 5.94 -12.82 20.29
CA ARG A 765 5.27 -12.91 21.58
C ARG A 765 5.62 -11.73 22.47
N MET A 766 6.71 -11.02 22.17
CA MET A 766 6.99 -9.78 22.87
C MET A 766 6.28 -8.58 22.27
N MET A 767 5.92 -8.62 20.99
CA MET A 767 5.15 -7.54 20.38
C MET A 767 3.71 -7.49 20.87
N LEU A 768 3.04 -8.63 21.00
CA LEU A 768 1.67 -8.62 21.49
C LEU A 768 1.63 -8.33 22.99
N SER A 769 2.69 -8.66 23.71
CA SER A 769 2.79 -8.20 25.10
C SER A 769 3.29 -6.77 25.22
N ALA A 770 3.45 -6.06 24.10
CA ALA A 770 3.76 -4.64 24.11
C ALA A 770 2.75 -3.81 23.35
N ILE A 771 1.83 -4.44 22.62
CA ILE A 771 0.70 -3.71 22.06
C ILE A 771 -0.42 -3.63 23.10
N LEU A 772 -0.58 -4.68 23.89
CA LEU A 772 -1.61 -4.66 24.91
C LEU A 772 -1.14 -4.02 26.20
N ARG A 773 -0.47 -2.86 26.09
CA ARG A 773 -0.20 -1.98 27.22
C ARG A 773 -0.41 -0.51 26.87
N ASN A 774 -0.73 -0.17 25.64
CA ASN A 774 -0.91 1.22 25.26
C ASN A 774 -2.30 1.70 25.66
N GLU A 775 -2.49 3.02 25.65
CA GLU A 775 -3.80 3.57 25.91
C GLU A 775 -4.73 3.30 24.73
N VAL A 776 -6.03 3.41 25.00
CA VAL A 776 -7.03 3.01 24.02
C VAL A 776 -7.08 3.99 22.85
N GLY A 777 -6.74 5.26 23.10
CA GLY A 777 -6.80 6.28 22.07
C GLY A 777 -5.79 6.11 20.96
N TRP A 778 -4.75 5.32 21.17
CA TRP A 778 -3.83 4.99 20.09
C TRP A 778 -4.49 4.10 19.05
N PHE A 779 -5.47 3.28 19.47
CA PHE A 779 -6.17 2.42 18.53
C PHE A 779 -7.22 3.17 17.72
N ASP A 780 -7.61 4.37 18.16
CA ASP A 780 -8.63 5.13 17.47
C ASP A 780 -8.12 5.79 16.18
N GLU A 781 -6.81 5.89 16.02
CA GLU A 781 -6.25 6.47 14.81
C GLU A 781 -6.40 5.50 13.64
N ASP A 782 -6.50 6.06 12.44
CA ASP A 782 -6.79 5.24 11.26
C ASP A 782 -5.55 4.50 10.78
N GLU A 783 -4.36 5.01 11.04
CA GLU A 783 -3.12 4.34 10.68
C GLU A 783 -2.70 3.30 11.70
N HIS A 784 -3.50 3.07 12.74
CA HIS A 784 -3.27 2.00 13.70
C HIS A 784 -4.50 1.14 13.90
N ASN A 785 -5.21 0.80 12.82
CA ASN A 785 -6.41 0.01 12.94
C ASN A 785 -6.10 -1.46 13.18
N SER A 786 -7.15 -2.26 13.33
CA SER A 786 -6.98 -3.70 13.39
C SER A 786 -7.06 -4.32 12.00
N SER A 787 -6.32 -3.74 11.06
CA SER A 787 -6.13 -4.36 9.74
C SER A 787 -4.70 -4.24 9.24
N LEU A 788 -3.90 -3.33 9.81
CA LEU A 788 -2.49 -3.20 9.47
C LEU A 788 -1.61 -3.74 10.60
N ILE A 789 -2.07 -3.66 11.84
CA ILE A 789 -1.30 -4.18 12.97
C ILE A 789 -1.36 -5.70 13.06
N ALA A 790 -2.26 -6.36 12.35
CA ALA A 790 -2.19 -7.80 12.18
C ALA A 790 -1.31 -8.20 11.01
N ALA A 791 -0.87 -7.24 10.21
CA ALA A 791 0.13 -7.48 9.17
C ALA A 791 1.54 -7.22 9.65
N ARG A 792 1.72 -6.26 10.57
CA ARG A 792 3.04 -5.95 11.12
C ARG A 792 3.50 -6.97 12.15
N LEU A 793 2.67 -7.94 12.50
CA LEU A 793 3.11 -9.15 13.19
C LEU A 793 3.28 -10.33 12.24
N ALA A 794 2.70 -10.26 11.05
CA ALA A 794 2.77 -11.35 10.09
C ALA A 794 4.01 -11.28 9.20
N THR A 795 4.15 -10.21 8.43
CA THR A 795 5.27 -10.06 7.52
C THR A 795 6.44 -9.32 8.14
N ASP A 796 6.18 -8.24 8.86
CA ASP A 796 7.24 -7.37 9.34
C ASP A 796 7.98 -7.97 10.53
N ALA A 797 7.42 -8.97 11.18
CA ALA A 797 8.11 -9.70 12.24
C ALA A 797 8.76 -10.97 11.71
N ALA A 798 8.49 -11.35 10.47
CA ALA A 798 9.07 -12.54 9.87
C ALA A 798 10.25 -12.23 8.96
N ASP A 799 10.65 -10.96 8.87
CA ASP A 799 11.84 -10.56 8.13
C ASP A 799 12.98 -10.18 9.07
N VAL A 800 13.02 -10.81 10.24
CA VAL A 800 14.20 -10.72 11.09
C VAL A 800 15.00 -12.01 10.98
N LYS A 801 14.38 -13.06 10.46
CA LYS A 801 15.10 -14.26 10.04
C LYS A 801 16.09 -13.94 8.93
N SER A 802 15.76 -13.01 8.05
CA SER A 802 16.66 -12.61 6.97
C SER A 802 17.36 -11.30 7.25
N ALA A 803 17.68 -11.01 8.52
CA ALA A 803 18.54 -9.89 8.87
C ALA A 803 19.58 -10.24 9.92
N ILE A 804 19.50 -11.41 10.56
CA ILE A 804 20.48 -11.82 11.55
C ILE A 804 20.82 -13.30 11.43
N ALA A 805 20.25 -14.01 10.45
CA ALA A 805 20.54 -15.42 10.28
C ALA A 805 20.95 -15.71 8.84
N GLU A 806 20.46 -14.91 7.90
CA GLU A 806 20.86 -15.05 6.50
C GLU A 806 21.59 -13.82 5.98
N ARG A 807 22.20 -13.03 6.86
CA ARG A 807 23.23 -12.08 6.47
C ARG A 807 24.49 -12.28 7.31
N ILE A 808 24.57 -13.40 8.02
CA ILE A 808 25.85 -13.92 8.50
C ILE A 808 26.32 -15.10 7.65
N SER A 809 25.40 -15.97 7.21
CA SER A 809 25.78 -17.14 6.42
C SER A 809 26.19 -16.76 5.00
N VAL A 810 25.82 -15.56 4.54
CA VAL A 810 26.29 -15.10 3.25
C VAL A 810 27.42 -14.10 3.45
N ILE A 811 28.03 -14.15 4.63
CA ILE A 811 29.30 -13.49 4.87
C ILE A 811 30.41 -14.49 5.13
N LEU A 812 30.22 -15.40 6.09
CA LEU A 812 31.25 -16.38 6.41
C LEU A 812 31.43 -17.42 5.32
N GLN A 813 30.44 -17.59 4.44
CA GLN A 813 30.66 -18.42 3.26
C GLN A 813 31.58 -17.72 2.28
N ASN A 814 31.44 -16.40 2.15
CA ASN A 814 32.22 -15.67 1.16
C ASN A 814 33.49 -15.04 1.73
N MET A 815 33.59 -14.86 3.04
CA MET A 815 34.82 -14.36 3.64
C MET A 815 35.77 -15.47 4.07
N THR A 816 35.44 -16.72 3.78
CA THR A 816 36.42 -17.79 3.87
C THR A 816 36.80 -18.34 2.51
N SER A 817 36.08 -17.94 1.46
CA SER A 817 36.43 -18.32 0.10
C SER A 817 37.30 -17.27 -0.58
N LEU A 818 37.12 -16.00 -0.23
CA LEU A 818 38.09 -14.98 -0.62
C LEU A 818 39.43 -15.22 0.06
N LEU A 819 39.41 -15.73 1.29
CA LEU A 819 40.65 -15.90 2.05
C LEU A 819 41.45 -17.11 1.60
N THR A 820 40.81 -18.27 1.40
CA THR A 820 41.55 -19.48 1.06
C THR A 820 41.94 -19.54 -0.42
N SER A 821 41.61 -18.53 -1.21
CA SER A 821 42.08 -18.46 -2.59
C SER A 821 43.23 -17.47 -2.75
N PHE A 822 43.34 -16.48 -1.87
CA PHE A 822 44.51 -15.61 -1.80
C PHE A 822 45.59 -16.17 -0.89
N ILE A 823 45.55 -17.45 -0.56
CA ILE A 823 46.66 -18.10 0.11
C ILE A 823 47.22 -19.14 -0.87
N VAL A 824 46.34 -19.73 -1.66
CA VAL A 824 46.79 -20.66 -2.69
C VAL A 824 47.42 -19.89 -3.84
N ALA A 825 46.99 -18.65 -4.05
CA ALA A 825 47.60 -17.80 -5.07
C ALA A 825 49.00 -17.34 -4.70
N PHE A 826 49.36 -17.32 -3.42
CA PHE A 826 50.70 -16.92 -3.03
C PHE A 826 51.58 -18.09 -2.63
N ILE A 827 51.17 -19.32 -2.90
CA ILE A 827 52.07 -20.45 -2.81
C ILE A 827 52.53 -20.87 -4.20
N VAL A 828 51.63 -20.77 -5.19
CA VAL A 828 51.95 -21.22 -6.54
C VAL A 828 52.91 -20.26 -7.22
N GLU A 829 52.51 -19.00 -7.36
CA GLU A 829 53.36 -17.99 -7.99
C GLU A 829 52.99 -16.62 -7.45
N TRP A 830 53.99 -15.85 -7.00
CA TRP A 830 53.69 -14.58 -6.36
C TRP A 830 53.93 -13.38 -7.25
N ARG A 831 54.62 -13.53 -8.37
CA ARG A 831 54.86 -12.38 -9.23
C ARG A 831 53.66 -12.03 -10.11
N VAL A 832 52.80 -12.99 -10.42
CA VAL A 832 51.58 -12.70 -11.15
C VAL A 832 50.42 -12.45 -10.18
N SER A 833 50.40 -13.12 -9.04
CA SER A 833 49.34 -12.92 -8.05
C SER A 833 49.50 -11.64 -7.24
N LEU A 834 50.45 -10.78 -7.61
CA LEU A 834 50.51 -9.42 -7.10
C LEU A 834 49.92 -8.42 -8.07
N LEU A 835 50.13 -8.62 -9.37
CA LEU A 835 49.46 -7.80 -10.38
C LEU A 835 47.97 -8.05 -10.41
N ILE A 836 47.54 -9.28 -10.09
CA ILE A 836 46.11 -9.57 -10.06
C ILE A 836 45.48 -8.94 -8.83
N LEU A 837 46.24 -8.85 -7.72
CA LEU A 837 45.71 -8.23 -6.51
C LEU A 837 45.57 -6.73 -6.65
N GLY A 838 46.44 -6.09 -7.45
CA GLY A 838 46.25 -4.70 -7.75
C GLY A 838 45.16 -4.43 -8.77
N THR A 839 44.87 -5.41 -9.63
CA THR A 839 43.81 -5.30 -10.61
C THR A 839 42.47 -5.76 -10.04
N PHE A 840 42.51 -6.47 -8.92
CA PHE A 840 41.31 -7.00 -8.29
C PHE A 840 40.25 -5.96 -7.86
N PRO A 841 40.56 -4.69 -7.54
CA PRO A 841 39.45 -3.72 -7.40
C PRO A 841 38.72 -3.40 -8.69
N LEU A 842 39.22 -3.79 -9.86
CA LEU A 842 38.49 -3.58 -11.09
C LEU A 842 37.73 -4.82 -11.54
N LEU A 843 38.24 -6.02 -11.24
CA LEU A 843 37.55 -7.23 -11.65
C LEU A 843 36.32 -7.50 -10.82
N VAL A 844 36.18 -6.86 -9.65
CA VAL A 844 34.97 -7.04 -8.86
C VAL A 844 33.91 -6.00 -9.18
N LEU A 845 34.32 -4.82 -9.67
CA LEU A 845 33.35 -3.84 -10.16
C LEU A 845 32.70 -4.31 -11.46
N ALA A 846 33.48 -4.96 -12.32
CA ALA A 846 32.95 -5.46 -13.58
C ALA A 846 32.00 -6.63 -13.37
N ASN A 847 32.20 -7.42 -12.32
CA ASN A 847 31.23 -8.45 -11.98
C ASN A 847 30.15 -7.94 -11.04
N PHE A 848 30.24 -6.68 -10.62
CA PHE A 848 29.14 -6.05 -9.89
C PHE A 848 28.15 -5.38 -10.84
N ALA A 849 28.63 -4.87 -11.97
CA ALA A 849 27.74 -4.29 -12.95
C ALA A 849 26.96 -5.34 -13.72
N GLN A 850 27.40 -6.59 -13.73
CA GLN A 850 26.68 -7.64 -14.42
C GLN A 850 25.55 -8.23 -13.59
N GLN A 851 25.30 -7.70 -12.39
CA GLN A 851 24.16 -8.14 -11.60
C GLN A 851 23.22 -7.01 -11.20
N LEU A 852 23.54 -5.76 -11.55
CA LEU A 852 22.53 -4.72 -11.57
C LEU A 852 21.76 -4.75 -12.87
N SER A 853 22.40 -5.21 -13.95
CA SER A 853 21.76 -5.27 -15.26
C SER A 853 20.70 -6.36 -15.37
N LEU A 854 20.58 -7.22 -14.37
CA LEU A 854 19.54 -8.24 -14.41
C LEU A 854 18.18 -7.65 -14.08
N LYS A 855 18.14 -6.55 -13.32
CA LYS A 855 16.90 -5.91 -12.93
C LYS A 855 16.60 -4.68 -13.76
N GLY A 856 17.54 -4.25 -14.60
CA GLY A 856 17.38 -3.03 -15.36
C GLY A 856 17.89 -1.82 -14.61
N PHE A 857 18.50 -0.89 -15.33
CA PHE A 857 19.10 0.30 -14.73
C PHE A 857 18.13 1.48 -14.66
N ALA A 858 16.82 1.23 -14.69
CA ALA A 858 15.90 2.35 -14.69
C ALA A 858 15.81 2.95 -13.30
N GLY A 859 15.25 2.20 -12.35
CA GLY A 859 15.41 2.55 -10.95
C GLY A 859 14.37 3.54 -10.48
N ASP A 860 13.45 3.09 -9.63
CA ASP A 860 12.38 3.90 -9.03
C ASP A 860 11.59 4.68 -10.09
N THR A 861 10.94 3.93 -10.97
CA THR A 861 10.20 4.54 -12.07
C THR A 861 8.86 5.12 -11.64
N ALA A 862 8.44 4.90 -10.40
CA ALA A 862 7.21 5.45 -9.87
C ALA A 862 7.38 6.87 -9.35
N LYS A 863 8.57 7.24 -8.90
CA LYS A 863 8.81 8.52 -8.25
C LYS A 863 8.88 9.68 -9.23
N ALA A 864 9.41 9.46 -10.42
CA ALA A 864 9.45 10.54 -11.41
C ALA A 864 8.08 10.79 -12.01
N HIS A 865 7.33 9.72 -12.29
CA HIS A 865 5.95 9.84 -12.77
C HIS A 865 4.97 9.87 -11.61
N ALA A 866 5.19 10.77 -10.65
CA ALA A 866 4.32 10.90 -9.49
C ALA A 866 3.79 12.29 -9.28
N LYS A 867 4.45 13.30 -9.86
CA LYS A 867 3.84 14.62 -9.92
C LYS A 867 2.91 14.73 -11.12
N THR A 868 3.14 13.92 -12.15
CA THR A 868 2.27 13.91 -13.32
C THR A 868 0.88 13.39 -12.98
N SER A 869 0.83 12.30 -12.20
CA SER A 869 -0.43 11.62 -11.94
C SER A 869 -1.29 12.42 -10.97
N MET A 870 -0.67 13.25 -10.12
CA MET A 870 -1.44 14.13 -9.24
C MET A 870 -2.19 15.19 -10.04
N ILE A 871 -1.63 15.62 -11.17
CA ILE A 871 -2.34 16.58 -12.01
C ILE A 871 -3.45 15.88 -12.79
N ALA A 872 -3.32 14.59 -13.02
CA ALA A 872 -4.43 13.82 -13.55
C ALA A 872 -5.34 13.31 -12.44
N GLY A 873 -4.95 13.51 -11.19
CA GLY A 873 -5.81 13.15 -10.07
C GLY A 873 -6.86 14.20 -9.76
N GLU A 874 -6.53 15.47 -9.95
CA GLU A 874 -7.49 16.55 -9.78
C GLU A 874 -8.36 16.76 -11.00
N GLY A 875 -8.03 16.12 -12.13
CA GLY A 875 -8.78 16.28 -13.35
C GLY A 875 -9.91 15.30 -13.55
N VAL A 876 -10.06 14.32 -12.67
CA VAL A 876 -11.11 13.32 -12.76
C VAL A 876 -12.07 13.40 -11.58
N SER A 877 -11.53 13.44 -10.36
CA SER A 877 -12.36 13.49 -9.17
C SER A 877 -13.00 14.86 -8.96
N ASN A 878 -12.62 15.88 -9.72
CA ASN A 878 -13.27 17.18 -9.70
C ASN A 878 -13.75 17.57 -11.09
N ILE A 879 -14.31 16.62 -11.83
CA ILE A 879 -14.63 16.86 -13.24
C ILE A 879 -15.88 17.72 -13.39
N ARG A 880 -16.77 17.74 -12.40
CA ARG A 880 -18.02 18.48 -12.49
C ARG A 880 -17.84 19.99 -12.57
N THR A 881 -16.70 20.51 -12.13
CA THR A 881 -16.36 21.91 -12.38
C THR A 881 -15.45 22.09 -13.58
N VAL A 882 -14.86 21.01 -14.10
CA VAL A 882 -14.11 21.09 -15.35
C VAL A 882 -15.08 21.08 -16.53
N ALA A 883 -16.25 20.44 -16.36
CA ALA A 883 -17.27 20.48 -17.40
C ALA A 883 -17.84 21.88 -17.56
N ALA A 884 -18.09 22.57 -16.46
CA ALA A 884 -18.35 23.99 -16.55
C ALA A 884 -17.05 24.75 -16.75
N PHE A 885 -17.18 26.05 -17.04
CA PHE A 885 -16.12 27.05 -17.23
C PHE A 885 -15.29 26.83 -18.49
N ASN A 886 -15.54 25.75 -19.26
CA ASN A 886 -14.71 25.32 -20.39
C ASN A 886 -13.23 25.22 -20.02
N ALA A 887 -12.93 24.44 -18.98
CA ALA A 887 -11.56 24.20 -18.55
C ALA A 887 -10.95 22.98 -19.20
N GLN A 888 -11.59 22.44 -20.24
CA GLN A 888 -11.16 21.21 -20.88
C GLN A 888 -9.90 21.38 -21.73
N SER A 889 -9.46 22.61 -21.98
CA SER A 889 -8.22 22.86 -22.69
C SER A 889 -7.19 23.62 -21.86
N LYS A 890 -7.42 23.76 -20.55
CA LYS A 890 -6.41 24.32 -19.68
C LYS A 890 -5.75 23.27 -18.80
N ILE A 891 -6.41 22.14 -18.58
CA ILE A 891 -5.77 21.04 -17.88
C ILE A 891 -4.77 20.35 -18.79
N LEU A 892 -5.11 20.24 -20.08
CA LEU A 892 -4.23 19.58 -21.04
C LEU A 892 -2.93 20.36 -21.27
N SER A 893 -2.96 21.67 -21.07
CA SER A 893 -1.73 22.46 -21.16
C SER A 893 -1.14 22.77 -19.80
N LEU A 894 -1.65 22.15 -18.74
CA LEU A 894 -0.95 22.05 -17.47
C LEU A 894 -0.56 20.62 -17.16
N PHE A 895 -0.58 19.76 -18.17
CA PHE A 895 -0.12 18.38 -18.10
C PHE A 895 0.90 18.07 -19.17
N CYS A 896 0.76 18.68 -20.35
CA CYS A 896 1.77 18.56 -21.40
C CYS A 896 2.86 19.61 -21.27
N HIS A 897 2.78 20.47 -20.25
CA HIS A 897 3.85 21.37 -19.89
C HIS A 897 4.70 20.82 -18.75
N GLU A 898 4.18 19.83 -18.03
CA GLU A 898 4.89 19.21 -16.93
C GLU A 898 5.55 17.89 -17.31
N LEU A 899 5.10 17.22 -18.37
CA LEU A 899 5.76 16.00 -18.84
C LEU A 899 7.08 16.24 -19.55
N ARG A 900 7.57 17.48 -19.62
CA ARG A 900 8.88 17.70 -20.20
C ARG A 900 9.98 17.50 -19.16
N VAL A 901 9.60 17.35 -17.89
CA VAL A 901 10.55 17.01 -16.84
C VAL A 901 10.86 15.50 -16.82
N PRO A 902 9.91 14.55 -16.89
CA PRO A 902 10.33 13.14 -16.89
C PRO A 902 10.82 12.61 -18.23
N GLN A 903 11.07 13.47 -19.22
CA GLN A 903 11.79 13.02 -20.41
C GLN A 903 13.23 13.48 -20.40
N LYS A 904 13.49 14.70 -19.96
CA LYS A 904 14.86 15.17 -19.78
C LYS A 904 15.50 14.64 -18.49
N ARG A 905 14.77 13.84 -17.71
CA ARG A 905 15.40 13.05 -16.67
C ARG A 905 15.72 11.65 -17.19
N SER A 906 14.89 11.13 -18.10
CA SER A 906 15.14 9.84 -18.73
C SER A 906 16.04 9.96 -19.95
N LEU A 907 16.57 11.14 -20.23
CA LEU A 907 17.60 11.32 -21.24
C LEU A 907 18.99 11.43 -20.62
N TYR A 908 19.09 12.15 -19.51
CA TYR A 908 20.35 12.22 -18.78
C TYR A 908 20.71 10.89 -18.16
N ARG A 909 19.76 10.24 -17.49
CA ARG A 909 20.02 8.99 -16.80
C ARG A 909 20.26 7.83 -17.75
N SER A 910 19.60 7.80 -18.90
CA SER A 910 19.81 6.73 -19.86
C SER A 910 21.17 6.81 -20.54
N GLN A 911 21.76 8.00 -20.66
CA GLN A 911 23.07 8.13 -21.26
C GLN A 911 24.21 7.93 -20.28
N THR A 912 24.11 8.49 -19.07
CA THR A 912 25.17 8.31 -18.07
C THR A 912 25.21 6.88 -17.56
N SER A 913 24.05 6.30 -17.24
CA SER A 913 24.05 4.92 -16.77
C SER A 913 24.04 3.92 -17.91
N GLY A 914 24.21 4.38 -19.15
CA GLY A 914 24.54 3.49 -20.24
C GLY A 914 25.98 3.61 -20.68
N PHE A 915 26.66 4.70 -20.31
CA PHE A 915 28.07 4.87 -20.62
C PHE A 915 28.96 4.40 -19.48
N LEU A 916 28.48 4.52 -18.23
CA LEU A 916 29.24 3.98 -17.11
C LEU A 916 29.06 2.47 -16.97
N PHE A 917 28.21 1.86 -17.79
CA PHE A 917 28.20 0.41 -17.89
C PHE A 917 29.08 -0.08 -19.03
N GLY A 918 29.09 0.63 -20.15
CA GLY A 918 29.93 0.27 -21.26
C GLY A 918 31.40 0.50 -21.06
N LEU A 919 31.77 1.28 -20.04
CA LEU A 919 33.16 1.46 -19.67
C LEU A 919 33.58 0.48 -18.58
N SER A 920 32.65 0.03 -17.74
CA SER A 920 33.00 -0.95 -16.72
C SER A 920 32.96 -2.38 -17.24
N GLN A 921 32.74 -2.56 -18.54
CA GLN A 921 33.02 -3.84 -19.17
C GLN A 921 34.24 -3.79 -20.05
N LEU A 922 34.70 -2.59 -20.40
CA LEU A 922 36.00 -2.45 -21.04
C LEU A 922 37.13 -2.79 -20.10
N ALA A 923 37.00 -2.42 -18.82
CA ALA A 923 38.02 -2.74 -17.84
C ALA A 923 38.05 -4.22 -17.46
N LEU A 924 36.98 -4.97 -17.76
CA LEU A 924 37.01 -6.41 -17.59
C LEU A 924 37.90 -7.09 -18.62
N TYR A 925 37.56 -6.93 -19.90
CA TYR A 925 38.31 -7.59 -20.95
C TYR A 925 39.65 -6.91 -21.21
N GLY A 926 39.74 -5.63 -20.89
CA GLY A 926 40.99 -4.90 -21.06
C GLY A 926 42.01 -5.09 -19.98
N SER A 927 41.68 -5.83 -18.93
CA SER A 927 42.64 -6.18 -17.90
C SER A 927 42.79 -7.67 -17.70
N GLU A 928 42.11 -8.48 -18.49
CA GLU A 928 42.47 -9.89 -18.63
C GLU A 928 43.42 -10.10 -19.79
N ALA A 929 43.82 -9.01 -20.45
CA ALA A 929 44.86 -9.07 -21.47
C ALA A 929 46.10 -8.32 -21.06
N LEU A 930 46.16 -7.85 -19.82
CA LEU A 930 47.42 -7.44 -19.21
C LEU A 930 48.04 -8.56 -18.40
N ILE A 931 47.22 -9.30 -17.65
CA ILE A 931 47.70 -10.41 -16.83
C ILE A 931 48.26 -11.51 -17.71
N LEU A 932 47.51 -11.94 -18.72
CA LEU A 932 47.94 -13.04 -19.57
C LEU A 932 49.10 -12.65 -20.47
N TRP A 933 49.23 -11.37 -20.82
CA TRP A 933 50.45 -10.91 -21.47
C TRP A 933 51.62 -10.95 -20.50
N TYR A 934 51.39 -10.58 -19.25
CA TYR A 934 52.46 -10.55 -18.26
C TYR A 934 52.85 -11.95 -17.83
N GLY A 935 51.98 -12.94 -18.01
CA GLY A 935 52.35 -14.32 -17.77
C GLY A 935 53.26 -14.86 -18.84
N ALA A 936 52.98 -14.55 -20.11
CA ALA A 936 53.79 -15.02 -21.24
C ALA A 936 55.05 -14.20 -21.42
N HIS A 937 55.34 -13.25 -20.53
CA HIS A 937 56.60 -12.56 -20.51
C HIS A 937 57.59 -13.21 -19.55
N LEU A 938 57.14 -13.65 -18.38
CA LEU A 938 57.99 -14.26 -17.38
C LEU A 938 58.43 -15.67 -17.74
N VAL A 939 57.66 -16.39 -18.55
CA VAL A 939 58.05 -17.72 -18.98
C VAL A 939 59.25 -17.65 -19.92
N SER A 940 59.38 -16.54 -20.65
CA SER A 940 60.54 -16.34 -21.51
C SER A 940 61.84 -16.18 -20.73
N LYS A 941 61.78 -15.69 -19.48
CA LYS A 941 62.97 -15.53 -18.66
C LYS A 941 63.22 -16.71 -17.73
N GLY A 942 62.41 -17.76 -17.84
CA GLY A 942 62.57 -18.93 -17.00
C GLY A 942 62.20 -18.75 -15.55
N VAL A 943 61.47 -17.69 -15.22
CA VAL A 943 61.10 -17.46 -13.82
C VAL A 943 60.03 -18.42 -13.37
N SER A 944 58.89 -18.42 -14.05
CA SER A 944 57.80 -19.34 -13.74
C SER A 944 57.31 -19.99 -15.03
N THR A 945 56.50 -21.03 -14.89
CA THR A 945 56.16 -21.89 -16.01
C THR A 945 54.66 -21.94 -16.21
N PHE A 946 54.26 -22.57 -17.30
CA PHE A 946 52.88 -22.93 -17.56
C PHE A 946 52.40 -23.92 -16.50
N SER A 947 51.08 -23.90 -16.26
CA SER A 947 50.36 -24.53 -15.13
C SER A 947 50.76 -23.92 -13.79
N LYS A 948 51.35 -22.73 -13.82
CA LYS A 948 51.39 -21.85 -12.66
C LYS A 948 50.82 -20.48 -12.96
N VAL A 949 50.75 -20.09 -14.22
CA VAL A 949 49.93 -18.94 -14.59
C VAL A 949 48.45 -19.31 -14.56
N ILE A 950 48.11 -20.51 -15.02
CA ILE A 950 46.71 -20.92 -15.11
C ILE A 950 46.13 -21.22 -13.73
N LYS A 951 46.93 -21.79 -12.82
CA LYS A 951 46.43 -22.05 -11.47
C LYS A 951 46.28 -20.78 -10.64
N VAL A 952 46.78 -19.65 -11.14
CA VAL A 952 46.58 -18.39 -10.43
C VAL A 952 45.52 -17.56 -11.14
N PHE A 953 45.49 -17.59 -12.48
CA PHE A 953 44.52 -16.78 -13.20
C PHE A 953 43.11 -17.37 -13.14
N VAL A 954 42.98 -18.69 -13.10
CA VAL A 954 41.63 -19.27 -13.15
C VAL A 954 40.99 -19.23 -11.76
N VAL A 955 41.81 -19.32 -10.71
CA VAL A 955 41.28 -19.20 -9.35
C VAL A 955 40.81 -17.77 -9.09
N LEU A 956 41.59 -16.78 -9.52
CA LEU A 956 41.31 -15.39 -9.19
C LEU A 956 40.38 -14.71 -10.20
N VAL A 957 39.55 -15.45 -10.90
CA VAL A 957 38.45 -14.88 -11.66
C VAL A 957 37.15 -15.44 -11.10
N ILE A 958 37.16 -16.75 -10.79
CA ILE A 958 36.00 -17.38 -10.19
C ILE A 958 35.83 -16.91 -8.74
N THR A 959 36.93 -16.46 -8.11
CA THR A 959 36.81 -15.84 -6.79
C THR A 959 36.07 -14.52 -6.85
N ALA A 960 36.41 -13.65 -7.80
CA ALA A 960 35.80 -12.34 -7.94
C ALA A 960 34.33 -12.40 -8.32
N ASN A 961 33.86 -13.51 -8.88
CA ASN A 961 32.45 -13.68 -9.17
C ASN A 961 31.60 -13.75 -7.90
N SER A 962 32.13 -14.33 -6.82
CA SER A 962 31.40 -14.42 -5.58
C SER A 962 31.57 -13.20 -4.69
N VAL A 963 32.63 -12.42 -4.87
CA VAL A 963 32.83 -11.22 -4.06
C VAL A 963 31.81 -10.15 -4.42
N ALA A 964 31.34 -10.11 -5.66
CA ALA A 964 30.26 -9.19 -6.04
C ALA A 964 28.90 -9.81 -5.82
N GLU A 965 28.71 -10.40 -4.64
CA GLU A 965 27.44 -10.86 -4.10
C GLU A 965 27.39 -10.41 -2.66
N THR A 966 28.58 -10.14 -2.10
CA THR A 966 28.69 -9.63 -0.74
C THR A 966 28.61 -8.12 -0.71
N VAL A 967 29.30 -7.44 -1.62
CA VAL A 967 29.33 -5.98 -1.64
C VAL A 967 28.03 -5.43 -2.22
N SER A 968 27.23 -6.29 -2.84
CA SER A 968 25.93 -5.88 -3.34
C SER A 968 24.91 -5.66 -2.24
N LEU A 969 25.08 -6.29 -1.08
CA LEU A 969 24.19 -6.12 0.05
C LEU A 969 24.78 -5.24 1.14
N ALA A 970 25.87 -4.55 0.84
CA ALA A 970 26.56 -3.66 1.78
C ALA A 970 25.74 -2.47 2.31
N PRO A 971 24.88 -1.78 1.53
CA PRO A 971 24.06 -0.74 2.18
C PRO A 971 22.94 -1.29 3.05
N GLU A 972 22.37 -2.45 2.70
CA GLU A 972 21.26 -3.02 3.45
C GLU A 972 21.64 -3.48 4.85
N ILE A 973 22.92 -3.70 5.13
CA ILE A 973 23.33 -3.97 6.49
C ILE A 973 23.28 -2.69 7.33
N ILE A 974 23.90 -1.62 6.85
CA ILE A 974 24.09 -0.43 7.66
C ILE A 974 22.83 0.42 7.69
N ARG A 975 22.24 0.69 6.52
CA ARG A 975 21.12 1.62 6.40
C ARG A 975 19.87 0.93 6.93
N GLY A 976 19.72 0.99 8.26
CA GLY A 976 18.53 0.59 8.99
C GLY A 976 17.97 -0.80 8.77
N GLY A 977 18.79 -1.73 8.28
CA GLY A 977 18.26 -2.96 7.75
C GLY A 977 17.42 -2.66 6.53
N GLU A 978 16.11 -2.79 6.69
CA GLU A 978 15.15 -2.30 5.71
C GLU A 978 13.94 -1.79 6.48
N ALA A 979 12.94 -1.27 5.74
CA ALA A 979 11.78 -0.66 6.37
C ALA A 979 10.88 -1.65 7.09
N VAL A 980 10.96 -2.93 6.75
CA VAL A 980 10.21 -3.97 7.47
C VAL A 980 11.04 -4.61 8.57
N GLY A 981 12.35 -4.41 8.59
CA GLY A 981 13.19 -4.74 9.71
C GLY A 981 13.30 -3.63 10.72
N SER A 982 12.60 -2.53 10.47
CA SER A 982 12.59 -1.35 11.34
C SER A 982 11.36 -1.32 12.24
N VAL A 983 10.87 -2.48 12.66
CA VAL A 983 9.74 -2.51 13.59
C VAL A 983 10.26 -2.45 15.02
N PHE A 984 10.56 -1.23 15.46
CA PHE A 984 10.83 -0.93 16.85
C PHE A 984 9.93 0.16 17.38
N SER A 985 8.94 0.61 16.61
CA SER A 985 8.00 1.60 17.09
C SER A 985 6.94 0.98 18.01
N VAL A 986 6.94 -0.34 18.13
CA VAL A 986 6.08 -1.02 19.09
C VAL A 986 6.87 -1.60 20.27
N LEU A 987 8.11 -2.01 20.06
CA LEU A 987 8.92 -2.50 21.18
C LEU A 987 9.51 -1.33 21.97
N ASP A 988 10.01 -0.32 21.26
CA ASP A 988 10.60 0.86 21.88
C ASP A 988 9.60 2.00 21.76
N ARG A 989 8.62 2.02 22.66
CA ARG A 989 7.63 3.08 22.68
C ARG A 989 7.04 3.10 24.09
N GLN A 990 7.32 4.17 24.83
CA GLN A 990 6.89 4.26 26.22
C GLN A 990 5.39 4.55 26.27
N THR A 991 4.68 3.80 27.10
CA THR A 991 3.23 3.97 27.22
C THR A 991 2.92 5.20 28.07
N ARG A 992 1.66 5.63 28.02
CA ARG A 992 1.23 6.74 28.87
C ARG A 992 0.52 6.23 30.11
N ILE A 993 -0.54 5.44 29.94
CA ILE A 993 -1.31 4.88 31.04
C ILE A 993 -0.82 3.45 31.25
N ASP A 994 0.01 3.24 32.28
CA ASP A 994 0.62 1.96 32.53
C ASP A 994 -0.35 1.08 33.31
N PRO A 995 -0.76 -0.08 32.80
CA PRO A 995 -1.71 -0.92 33.53
C PRO A 995 -1.14 -1.58 34.77
N ASP A 996 0.17 -1.57 34.98
CA ASP A 996 0.75 -2.20 36.16
C ASP A 996 1.95 -1.39 36.61
N ASP A 997 1.96 -1.05 37.90
CA ASP A 997 3.06 -0.32 38.51
C ASP A 997 3.50 -1.03 39.77
N ALA A 998 4.64 -0.61 40.30
CA ALA A 998 5.14 -1.10 41.58
C ALA A 998 4.87 -0.14 42.73
N ASP A 999 4.94 1.17 42.47
CA ASP A 999 4.60 2.19 43.47
C ASP A 999 3.13 2.57 43.40
N ALA A 1000 2.25 1.57 43.48
CA ALA A 1000 0.82 1.78 43.39
C ALA A 1000 0.13 0.83 44.35
N ASP A 1001 -0.75 1.38 45.18
CA ASP A 1001 -1.40 0.59 46.21
C ASP A 1001 -2.53 -0.23 45.60
N PRO A 1002 -2.72 -1.49 46.00
CA PRO A 1002 -3.82 -2.29 45.47
C PRO A 1002 -5.16 -1.86 46.05
N VAL A 1003 -6.20 -2.55 45.61
CA VAL A 1003 -7.57 -2.23 46.00
C VAL A 1003 -8.11 -3.35 46.87
N GLU A 1004 -8.51 -3.01 48.09
CA GLU A 1004 -9.12 -3.97 49.00
C GLU A 1004 -10.62 -4.12 48.70
N THR A 1005 -11.38 -3.03 48.87
CA THR A 1005 -12.82 -3.06 48.63
C THR A 1005 -13.27 -1.67 48.22
N ILE A 1006 -13.92 -1.58 47.06
CA ILE A 1006 -14.56 -0.36 46.60
C ILE A 1006 -15.96 -0.30 47.21
N ARG A 1007 -16.31 0.86 47.78
CA ARG A 1007 -17.68 1.11 48.15
C ARG A 1007 -18.48 1.81 47.05
N GLY A 1008 -17.82 2.63 46.23
CA GLY A 1008 -18.45 3.41 45.19
C GLY A 1008 -18.62 4.83 45.65
N ASP A 1009 -17.68 5.70 45.28
CA ASP A 1009 -17.70 7.10 45.70
C ASP A 1009 -17.28 7.98 44.53
N ILE A 1010 -17.91 7.77 43.38
CA ILE A 1010 -17.65 8.58 42.20
C ILE A 1010 -18.05 10.03 42.47
N GLU A 1011 -17.06 10.91 42.53
CA GLU A 1011 -17.29 12.34 42.67
C GLU A 1011 -16.34 13.04 41.72
N PHE A 1012 -16.88 13.52 40.61
CA PHE A 1012 -16.07 14.21 39.60
C PHE A 1012 -15.78 15.62 40.07
N ARG A 1013 -14.49 15.92 40.23
CA ARG A 1013 -14.01 17.25 40.55
C ARG A 1013 -13.82 18.03 39.25
N HIS A 1014 -13.19 19.21 39.32
CA HIS A 1014 -13.09 20.11 38.18
C HIS A 1014 -12.39 19.20 37.19
N VAL A 1015 -13.04 18.97 36.04
CA VAL A 1015 -12.65 17.92 35.10
C VAL A 1015 -13.17 18.33 33.74
N ASP A 1016 -12.26 18.59 32.80
CA ASP A 1016 -12.55 18.76 31.39
C ASP A 1016 -11.98 17.61 30.59
N PHE A 1017 -12.44 17.46 29.36
CA PHE A 1017 -12.03 16.32 28.54
C PHE A 1017 -12.20 16.63 27.06
N ALA A 1018 -11.27 16.10 26.26
CA ALA A 1018 -11.38 16.06 24.81
C ALA A 1018 -10.69 14.81 24.32
N TYR A 1019 -11.05 14.37 23.11
CA TYR A 1019 -10.37 13.24 22.50
C TYR A 1019 -8.95 13.63 22.10
N PRO A 1020 -7.95 12.81 22.40
CA PRO A 1020 -6.60 13.07 21.89
C PRO A 1020 -6.47 12.89 20.38
N SER A 1021 -7.40 12.18 19.75
CA SER A 1021 -7.39 12.06 18.30
C SER A 1021 -7.77 13.38 17.64
N ARG A 1022 -8.80 14.05 18.17
CA ARG A 1022 -9.23 15.36 17.67
C ARG A 1022 -9.47 16.28 18.86
N PRO A 1023 -8.43 16.98 19.33
CA PRO A 1023 -8.60 17.90 20.45
C PRO A 1023 -9.16 19.26 20.06
N ASP A 1024 -9.55 19.45 18.79
CA ASP A 1024 -10.19 20.68 18.36
C ASP A 1024 -11.55 20.91 19.01
N VAL A 1025 -12.31 19.86 19.24
CA VAL A 1025 -13.59 19.96 19.93
C VAL A 1025 -13.35 19.65 21.41
N MET A 1026 -14.05 20.35 22.30
CA MET A 1026 -13.78 20.37 23.73
C MET A 1026 -15.02 19.97 24.52
N VAL A 1027 -15.55 18.78 24.19
CA VAL A 1027 -16.90 18.31 24.53
C VAL A 1027 -17.27 18.40 26.01
N PHE A 1028 -16.30 18.40 26.93
CA PHE A 1028 -16.57 18.58 28.33
C PHE A 1028 -15.96 19.90 28.82
N ARG A 1029 -16.74 20.65 29.60
CA ARG A 1029 -16.34 21.98 30.11
C ARG A 1029 -16.58 21.98 31.61
N ASP A 1030 -15.56 21.57 32.37
CA ASP A 1030 -15.54 21.55 33.84
C ASP A 1030 -16.70 20.71 34.38
N PHE A 1031 -16.69 19.45 33.99
CA PHE A 1031 -17.76 18.52 34.30
C PHE A 1031 -17.67 18.07 35.75
N ASN A 1032 -18.83 17.91 36.40
CA ASN A 1032 -18.89 17.63 37.82
C ASN A 1032 -20.05 16.67 38.11
N LEU A 1033 -19.81 15.68 38.97
CA LEU A 1033 -20.85 14.78 39.47
C LEU A 1033 -20.57 14.40 40.91
N ARG A 1034 -21.46 13.58 41.46
CA ARG A 1034 -21.37 13.09 42.83
C ARG A 1034 -22.24 11.85 42.95
N ILE A 1035 -21.67 10.75 43.43
CA ILE A 1035 -22.37 9.49 43.60
C ILE A 1035 -22.04 8.92 44.98
N ARG A 1036 -23.06 8.74 45.80
CA ARG A 1036 -22.93 8.04 47.07
C ARG A 1036 -23.16 6.54 46.84
N ALA A 1037 -22.55 5.73 47.70
CA ALA A 1037 -22.62 4.28 47.57
C ALA A 1037 -24.05 3.76 47.78
N GLY A 1038 -24.40 2.72 47.03
CA GLY A 1038 -25.72 2.14 47.08
C GLY A 1038 -26.76 3.01 46.41
N HIS A 1039 -26.44 3.54 45.22
CA HIS A 1039 -27.35 4.42 44.50
C HIS A 1039 -27.25 4.11 43.01
N SER A 1040 -27.84 4.98 42.19
CA SER A 1040 -27.90 4.80 40.76
C SER A 1040 -27.57 6.13 40.07
N GLN A 1041 -27.83 6.18 38.77
CA GLN A 1041 -27.56 7.35 37.95
C GLN A 1041 -28.37 7.23 36.66
N ALA A 1042 -28.94 8.34 36.23
CA ALA A 1042 -29.91 8.39 35.14
C ALA A 1042 -29.51 9.41 34.09
N LEU A 1043 -28.26 9.31 33.61
CA LEU A 1043 -27.71 10.15 32.54
C LEU A 1043 -28.59 10.19 31.30
N VAL A 1044 -28.88 11.40 30.82
CA VAL A 1044 -29.76 11.59 29.67
C VAL A 1044 -28.93 11.40 28.40
N GLY A 1045 -29.59 11.16 27.28
CA GLY A 1045 -28.91 11.08 26.00
C GLY A 1045 -28.41 12.43 25.51
N ALA A 1046 -29.27 13.45 25.65
CA ALA A 1046 -29.00 14.83 25.21
C ALA A 1046 -28.62 14.90 23.74
N SER A 1047 -29.31 14.10 22.91
CA SER A 1047 -29.16 14.04 21.45
C SER A 1047 -27.72 13.68 21.03
N GLY A 1048 -27.06 12.87 21.85
CA GLY A 1048 -25.72 12.40 21.53
C GLY A 1048 -24.63 13.45 21.68
N SER A 1049 -24.57 14.07 22.85
CA SER A 1049 -23.54 15.07 23.15
C SER A 1049 -22.34 14.44 23.84
N GLY A 1050 -21.75 13.41 23.22
CA GLY A 1050 -20.69 12.66 23.86
C GLY A 1050 -21.18 11.88 25.06
N LYS A 1051 -22.38 11.31 24.97
CA LYS A 1051 -23.05 10.70 26.11
C LYS A 1051 -22.37 9.43 26.59
N SER A 1052 -21.76 8.64 25.70
CA SER A 1052 -21.06 7.43 26.10
C SER A 1052 -19.57 7.71 26.35
N SER A 1053 -19.30 8.72 27.18
CA SER A 1053 -17.94 9.06 27.54
C SER A 1053 -17.75 9.23 29.04
N VAL A 1054 -18.84 9.28 29.81
CA VAL A 1054 -18.72 9.38 31.26
C VAL A 1054 -18.31 8.04 31.84
N ILE A 1055 -18.86 6.95 31.30
CA ILE A 1055 -18.42 5.61 31.68
C ILE A 1055 -17.00 5.31 31.24
N ALA A 1056 -16.48 6.00 30.23
CA ALA A 1056 -15.12 5.86 29.76
C ALA A 1056 -14.09 6.38 30.76
N MET A 1057 -14.51 7.22 31.71
CA MET A 1057 -13.61 7.74 32.72
C MET A 1057 -13.76 7.09 34.09
N ILE A 1058 -14.67 6.13 34.26
CA ILE A 1058 -14.70 5.36 35.50
C ILE A 1058 -13.49 4.43 35.55
N GLU A 1059 -13.27 3.70 34.47
CA GLU A 1059 -12.02 3.04 34.17
C GLU A 1059 -11.12 4.05 33.44
N ARG A 1060 -9.85 3.71 33.28
CA ARG A 1060 -8.94 4.62 32.57
C ARG A 1060 -8.77 4.16 31.13
N PHE A 1061 -9.80 4.42 30.32
CA PHE A 1061 -9.58 4.44 28.89
C PHE A 1061 -8.88 5.70 28.44
N TYR A 1062 -9.01 6.80 29.18
CA TYR A 1062 -8.39 8.06 28.84
C TYR A 1062 -8.02 8.79 30.12
N ASP A 1063 -7.22 9.84 29.97
CA ASP A 1063 -6.95 10.72 31.09
C ASP A 1063 -7.69 12.04 30.93
N PRO A 1064 -8.16 12.62 32.02
CA PRO A 1064 -8.76 13.96 31.94
C PRO A 1064 -7.71 15.02 31.67
N LEU A 1065 -8.14 16.10 31.01
CA LEU A 1065 -7.22 17.16 30.63
C LEU A 1065 -6.77 17.96 31.85
N ALA A 1066 -7.65 18.13 32.83
CA ALA A 1066 -7.30 18.79 34.08
C ALA A 1066 -8.22 18.27 35.16
N GLY A 1067 -7.69 18.16 36.38
CA GLY A 1067 -8.47 17.74 37.52
C GLY A 1067 -8.28 16.26 37.83
N LYS A 1068 -8.99 15.83 38.87
CA LYS A 1068 -8.89 14.46 39.37
C LYS A 1068 -10.23 13.76 39.26
N VAL A 1069 -10.20 12.46 38.99
CA VAL A 1069 -11.36 11.60 39.05
C VAL A 1069 -11.33 10.93 40.42
N MET A 1070 -12.05 11.51 41.37
CA MET A 1070 -12.03 11.06 42.76
C MET A 1070 -12.92 9.83 42.88
N ILE A 1071 -12.30 8.67 43.06
CA ILE A 1071 -13.00 7.40 43.22
C ILE A 1071 -12.60 6.78 44.56
N ASP A 1072 -13.61 6.30 45.31
CA ASP A 1072 -13.46 5.72 46.65
C ASP A 1072 -12.79 6.70 47.61
N GLY A 1073 -13.05 7.99 47.41
CA GLY A 1073 -12.38 9.03 48.15
C GLY A 1073 -10.90 9.18 47.86
N LYS A 1074 -10.40 8.60 46.76
CA LYS A 1074 -8.98 8.58 46.46
C LYS A 1074 -8.75 8.99 45.01
N ASP A 1075 -7.51 9.33 44.71
CA ASP A 1075 -7.12 9.59 43.32
C ASP A 1075 -7.11 8.29 42.53
N ILE A 1076 -7.63 8.34 41.30
CA ILE A 1076 -7.62 7.15 40.46
C ILE A 1076 -6.22 6.81 39.96
N ARG A 1077 -5.38 7.81 39.70
CA ARG A 1077 -4.04 7.56 39.19
C ARG A 1077 -3.01 7.46 40.32
N ARG A 1078 -3.35 6.68 41.34
CA ARG A 1078 -2.44 6.32 42.41
C ARG A 1078 -2.61 4.86 42.82
N LEU A 1079 -3.30 4.07 42.01
CA LEU A 1079 -3.63 2.69 42.33
C LEU A 1079 -3.16 1.78 41.20
N ASN A 1080 -2.98 0.50 41.53
CA ASN A 1080 -2.62 -0.49 40.52
C ASN A 1080 -3.84 -0.78 39.67
N LEU A 1081 -3.69 -0.65 38.35
CA LEU A 1081 -4.85 -0.62 37.46
C LEU A 1081 -5.45 -2.00 37.23
N LYS A 1082 -4.60 -3.03 37.13
CA LYS A 1082 -5.12 -4.38 36.93
C LYS A 1082 -5.87 -4.92 38.14
N SER A 1083 -5.54 -4.44 39.34
CA SER A 1083 -6.32 -4.78 40.52
C SER A 1083 -7.65 -4.04 40.59
N LEU A 1084 -7.75 -2.88 39.95
CA LEU A 1084 -8.96 -2.07 39.98
C LEU A 1084 -10.05 -2.59 39.04
N ARG A 1085 -9.69 -2.94 37.80
CA ARG A 1085 -10.68 -3.24 36.78
C ARG A 1085 -11.35 -4.58 36.97
N LEU A 1086 -10.84 -5.44 37.85
CA LEU A 1086 -11.43 -6.76 38.07
C LEU A 1086 -12.66 -6.70 38.97
N LYS A 1087 -13.03 -5.53 39.48
CA LYS A 1087 -14.21 -5.42 40.32
C LYS A 1087 -15.13 -4.30 39.83
N ILE A 1088 -14.85 -3.71 38.67
CA ILE A 1088 -15.74 -2.76 38.02
C ILE A 1088 -16.10 -3.35 36.68
N GLY A 1089 -17.29 -3.94 36.57
CA GLY A 1089 -17.72 -4.58 35.36
C GLY A 1089 -18.70 -3.74 34.57
N LEU A 1090 -18.53 -3.68 33.25
CA LEU A 1090 -19.41 -2.88 32.43
C LEU A 1090 -20.12 -3.74 31.38
N VAL A 1091 -21.04 -3.12 30.66
CA VAL A 1091 -21.68 -3.71 29.50
C VAL A 1091 -21.47 -2.75 28.33
N GLN A 1092 -20.89 -3.26 27.25
CA GLN A 1092 -20.46 -2.43 26.14
C GLN A 1092 -21.68 -1.95 25.35
N GLN A 1093 -21.49 -0.87 24.59
CA GLN A 1093 -22.55 -0.29 23.76
C GLN A 1093 -23.02 -1.27 22.69
N GLU A 1094 -22.11 -1.69 21.82
CA GLU A 1094 -22.45 -2.57 20.70
C GLU A 1094 -21.80 -3.92 20.96
N PRO A 1095 -22.51 -4.87 21.58
CA PRO A 1095 -21.86 -6.10 22.03
C PRO A 1095 -21.52 -7.03 20.89
N ALA A 1096 -20.33 -7.62 20.97
CA ALA A 1096 -19.93 -8.70 20.08
C ALA A 1096 -19.18 -9.73 20.91
N LEU A 1097 -19.24 -10.98 20.46
CA LEU A 1097 -18.65 -12.08 21.19
C LEU A 1097 -17.39 -12.55 20.48
N PHE A 1098 -16.65 -13.44 21.15
CA PHE A 1098 -15.41 -13.96 20.62
C PHE A 1098 -15.67 -15.22 19.82
N ALA A 1099 -14.68 -15.62 19.02
CA ALA A 1099 -14.77 -16.84 18.22
C ALA A 1099 -14.59 -18.04 19.13
N ALA A 1100 -15.66 -18.37 19.85
CA ALA A 1100 -15.70 -19.50 20.75
C ALA A 1100 -17.16 -19.90 20.92
N THR A 1101 -17.39 -20.96 21.69
CA THR A 1101 -18.75 -21.39 21.98
C THR A 1101 -19.37 -20.47 23.01
N ILE A 1102 -20.67 -20.68 23.29
CA ILE A 1102 -21.24 -19.95 24.40
C ILE A 1102 -21.03 -20.84 25.63
N PHE A 1103 -19.79 -20.86 26.09
CA PHE A 1103 -19.38 -21.19 27.44
C PHE A 1103 -18.27 -20.30 27.94
N ASP A 1104 -17.46 -19.74 27.02
CA ASP A 1104 -16.51 -18.70 27.38
C ASP A 1104 -17.20 -17.35 27.46
N ASN A 1105 -18.11 -17.06 26.53
CA ASN A 1105 -18.78 -15.77 26.38
C ASN A 1105 -19.57 -15.36 27.62
N ILE A 1106 -20.11 -16.30 28.37
CA ILE A 1106 -20.78 -15.99 29.64
C ILE A 1106 -19.89 -16.26 30.83
N ALA A 1107 -18.65 -16.68 30.61
CA ALA A 1107 -17.69 -16.88 31.69
C ALA A 1107 -16.39 -16.13 31.45
N TYR A 1108 -16.31 -15.29 30.43
CA TYR A 1108 -15.09 -14.53 30.17
C TYR A 1108 -14.85 -13.48 31.24
N GLY A 1109 -15.91 -13.04 31.91
CA GLY A 1109 -15.81 -12.10 33.00
C GLY A 1109 -15.56 -12.72 34.36
N LYS A 1110 -15.35 -14.03 34.44
CA LYS A 1110 -15.14 -14.69 35.72
C LYS A 1110 -14.26 -15.92 35.48
N ASP A 1111 -12.98 -15.79 35.78
CA ASP A 1111 -12.05 -16.91 35.70
C ASP A 1111 -11.97 -17.57 37.08
N GLY A 1112 -11.76 -18.88 37.09
CA GLY A 1112 -11.76 -19.68 38.30
C GLY A 1112 -13.05 -20.44 38.52
N ALA A 1113 -14.19 -19.87 38.14
CA ALA A 1113 -15.44 -20.60 38.17
C ALA A 1113 -15.47 -21.64 37.06
N THR A 1114 -16.02 -22.82 37.35
CA THR A 1114 -15.91 -23.92 36.40
C THR A 1114 -17.25 -24.33 35.80
N GLU A 1115 -18.22 -24.78 36.60
CA GLU A 1115 -19.48 -25.23 36.03
C GLU A 1115 -20.71 -24.79 36.82
N SER A 1116 -20.53 -24.47 38.10
CA SER A 1116 -21.66 -24.39 39.02
C SER A 1116 -22.50 -23.14 38.81
N GLU A 1117 -21.93 -21.97 39.04
CA GLU A 1117 -22.66 -20.71 38.94
C GLU A 1117 -22.66 -20.15 37.53
N VAL A 1118 -22.05 -20.84 36.57
CA VAL A 1118 -22.12 -20.43 35.17
C VAL A 1118 -23.52 -20.68 34.60
N ILE A 1119 -24.16 -21.78 35.01
CA ILE A 1119 -25.46 -22.14 34.45
C ILE A 1119 -26.54 -21.20 34.97
N ASP A 1120 -26.44 -20.79 36.24
CA ASP A 1120 -27.40 -19.84 36.79
C ASP A 1120 -27.17 -18.43 36.26
N ALA A 1121 -25.95 -18.15 35.78
CA ALA A 1121 -25.61 -16.82 35.30
C ALA A 1121 -26.32 -16.46 34.01
N ALA A 1122 -26.74 -17.45 33.22
CA ALA A 1122 -27.44 -17.16 31.98
C ALA A 1122 -28.84 -16.60 32.23
N ARG A 1123 -29.49 -17.04 33.30
CA ARG A 1123 -30.91 -16.73 33.53
C ARG A 1123 -31.04 -15.41 34.30
N ALA A 1124 -30.45 -14.36 33.73
CA ALA A 1124 -30.69 -13.02 34.24
C ALA A 1124 -31.34 -12.12 33.20
N ALA A 1125 -30.73 -11.97 32.03
CA ALA A 1125 -31.40 -11.45 30.85
C ALA A 1125 -31.67 -12.89 30.42
N ASN A 1126 -32.94 -13.27 30.50
CA ASN A 1126 -33.14 -14.70 30.67
C ASN A 1126 -32.62 -15.65 29.59
N ALA A 1127 -33.08 -15.49 28.33
CA ALA A 1127 -32.63 -16.25 27.15
C ALA A 1127 -32.45 -17.76 27.38
N HIS A 1128 -33.21 -18.35 28.30
CA HIS A 1128 -32.80 -19.65 28.83
C HIS A 1128 -33.27 -20.79 27.94
N GLY A 1129 -34.45 -20.68 27.34
CA GLY A 1129 -34.79 -21.57 26.25
C GLY A 1129 -34.09 -21.21 24.96
N PHE A 1130 -33.65 -19.95 24.84
CA PHE A 1130 -32.85 -19.54 23.70
C PHE A 1130 -31.44 -20.14 23.76
N ILE A 1131 -30.91 -20.35 24.97
CA ILE A 1131 -29.61 -20.99 25.12
C ILE A 1131 -29.72 -22.51 25.26
N SER A 1132 -30.87 -23.02 25.74
CA SER A 1132 -31.09 -24.45 25.74
C SER A 1132 -31.60 -24.95 24.40
N GLY A 1133 -32.13 -24.06 23.56
CA GLY A 1133 -32.54 -24.45 22.23
C GLY A 1133 -31.37 -24.37 21.26
N LEU A 1134 -30.69 -25.49 21.12
CA LEU A 1134 -29.50 -25.64 20.26
C LEU A 1134 -29.29 -27.14 20.05
N PRO A 1135 -28.90 -27.57 18.86
CA PRO A 1135 -28.54 -28.98 18.68
C PRO A 1135 -27.28 -29.38 19.45
N GLU A 1136 -26.23 -28.58 19.38
CA GLU A 1136 -24.96 -28.94 20.03
C GLU A 1136 -24.85 -28.33 21.44
N GLY A 1137 -25.88 -28.57 22.25
CA GLY A 1137 -25.85 -28.19 23.66
C GLY A 1137 -25.74 -26.70 23.93
N TYR A 1138 -24.55 -26.28 24.37
CA TYR A 1138 -24.16 -24.88 24.42
C TYR A 1138 -23.11 -24.53 23.37
N LYS A 1139 -22.54 -25.54 22.72
CA LYS A 1139 -21.41 -25.34 21.82
C LYS A 1139 -21.88 -24.78 20.48
N THR A 1140 -21.76 -23.46 20.30
CA THR A 1140 -22.06 -22.91 18.99
C THR A 1140 -21.12 -21.77 18.64
N PRO A 1141 -20.55 -21.76 17.43
CA PRO A 1141 -19.73 -20.62 17.01
C PRO A 1141 -20.59 -19.40 16.75
N VAL A 1142 -20.44 -18.38 17.59
CA VAL A 1142 -21.25 -17.18 17.48
C VAL A 1142 -20.37 -15.99 17.10
N GLY A 1143 -19.05 -16.17 17.21
CA GLY A 1143 -18.15 -15.10 16.82
C GLY A 1143 -18.08 -14.92 15.32
N GLU A 1144 -17.62 -15.96 14.62
CA GLU A 1144 -17.51 -15.92 13.16
C GLU A 1144 -17.56 -17.36 12.67
N ARG A 1145 -18.03 -17.52 11.42
CA ARG A 1145 -18.08 -18.79 10.69
C ARG A 1145 -18.99 -19.81 11.37
N GLY A 1146 -20.01 -19.32 12.08
CA GLY A 1146 -21.00 -20.19 12.67
C GLY A 1146 -22.41 -19.70 12.38
N VAL A 1147 -23.34 -19.94 13.31
CA VAL A 1147 -24.69 -19.43 13.12
C VAL A 1147 -24.73 -17.96 13.53
N GLN A 1148 -25.58 -17.19 12.86
CA GLN A 1148 -25.67 -15.76 13.10
C GLN A 1148 -26.88 -15.44 13.98
N LEU A 1149 -26.67 -14.58 14.97
CA LEU A 1149 -27.70 -14.18 15.91
C LEU A 1149 -28.11 -12.73 15.64
N SER A 1150 -29.17 -12.31 16.33
CA SER A 1150 -29.69 -10.96 16.16
C SER A 1150 -29.26 -10.07 17.32
N GLY A 1151 -29.38 -8.75 17.11
CA GLY A 1151 -28.88 -7.80 18.08
C GLY A 1151 -29.66 -7.77 19.38
N GLY A 1152 -30.96 -8.04 19.29
CA GLY A 1152 -31.76 -8.19 20.50
C GLY A 1152 -31.44 -9.45 21.29
N GLN A 1153 -30.92 -10.48 20.61
CA GLN A 1153 -30.50 -11.71 21.28
C GLN A 1153 -29.04 -11.66 21.72
N LYS A 1154 -28.18 -10.95 21.00
CA LYS A 1154 -26.80 -10.79 21.44
C LYS A 1154 -26.70 -9.92 22.69
N GLN A 1155 -27.62 -8.97 22.86
CA GLN A 1155 -27.63 -8.14 24.06
C GLN A 1155 -28.01 -8.95 25.29
N ARG A 1156 -28.79 -10.02 25.11
CA ARG A 1156 -29.10 -10.94 26.20
C ARG A 1156 -27.86 -11.63 26.74
N ILE A 1157 -26.93 -11.99 25.85
CA ILE A 1157 -25.74 -12.73 26.25
C ILE A 1157 -24.78 -11.83 27.03
N ALA A 1158 -24.69 -10.56 26.62
CA ALA A 1158 -23.72 -9.64 27.21
C ALA A 1158 -24.05 -9.31 28.67
N ILE A 1159 -25.33 -9.31 29.03
CA ILE A 1159 -25.73 -9.05 30.41
C ILE A 1159 -25.36 -10.22 31.32
N ALA A 1160 -25.25 -11.43 30.77
CA ALA A 1160 -24.80 -12.58 31.56
C ALA A 1160 -23.34 -12.50 31.96
N ARG A 1161 -22.55 -11.65 31.30
CA ARG A 1161 -21.16 -11.45 31.70
C ARG A 1161 -21.07 -10.81 33.08
N ALA A 1162 -21.68 -9.65 33.25
CA ALA A 1162 -21.51 -8.86 34.46
C ALA A 1162 -22.18 -9.49 35.68
N VAL A 1163 -23.22 -10.29 35.47
CA VAL A 1163 -23.91 -10.89 36.61
C VAL A 1163 -23.11 -12.06 37.20
N LEU A 1164 -22.14 -12.59 36.45
CA LEU A 1164 -21.29 -13.65 36.99
C LEU A 1164 -20.06 -13.07 37.68
N LYS A 1165 -19.59 -11.91 37.24
CA LYS A 1165 -18.39 -11.29 37.79
C LYS A 1165 -18.59 -10.81 39.21
N ASN A 1166 -19.85 -10.52 39.59
CA ASN A 1166 -20.30 -9.96 40.86
C ASN A 1166 -19.53 -8.65 41.14
N PRO A 1167 -19.79 -7.58 40.39
CA PRO A 1167 -18.94 -6.39 40.49
C PRO A 1167 -19.36 -5.49 41.64
N THR A 1168 -18.70 -4.35 41.75
CA THR A 1168 -19.11 -3.28 42.64
C THR A 1168 -19.73 -2.11 41.92
N VAL A 1169 -19.12 -1.66 40.84
CA VAL A 1169 -19.60 -0.51 40.08
C VAL A 1169 -20.04 -1.03 38.72
N LEU A 1170 -21.34 -1.27 38.57
CA LEU A 1170 -21.89 -1.68 37.29
C LEU A 1170 -22.03 -0.47 36.38
N LEU A 1171 -21.83 -0.68 35.08
CA LEU A 1171 -21.92 0.38 34.07
C LEU A 1171 -22.70 -0.15 32.88
N LEU A 1172 -23.83 0.49 32.57
CA LEU A 1172 -24.59 0.14 31.38
C LEU A 1172 -24.46 1.25 30.33
N ASP A 1173 -25.03 1.00 29.15
CA ASP A 1173 -24.93 1.95 28.05
C ASP A 1173 -26.04 1.70 27.02
N GLU A 1174 -26.54 2.79 26.45
CA GLU A 1174 -27.41 2.79 25.27
C GLU A 1174 -27.09 4.02 24.45
N ALA A 1175 -26.99 3.87 23.12
CA ALA A 1175 -26.62 4.99 22.27
C ALA A 1175 -27.12 4.78 20.85
N THR A 1176 -27.90 5.75 20.37
CA THR A 1176 -28.25 5.97 18.95
C THR A 1176 -28.91 4.76 18.28
N SER A 1177 -30.07 4.35 18.82
CA SER A 1177 -30.97 3.36 18.21
C SER A 1177 -30.29 2.02 17.98
N ALA A 1178 -29.76 1.44 19.06
CA ALA A 1178 -28.97 0.23 18.97
C ALA A 1178 -29.56 -0.94 19.76
N LEU A 1179 -30.87 -0.93 19.99
CA LEU A 1179 -31.51 -2.07 20.65
C LEU A 1179 -31.96 -3.10 19.64
N ASP A 1180 -32.73 -2.67 18.63
CA ASP A 1180 -33.22 -3.48 17.51
C ASP A 1180 -34.05 -4.68 17.98
N ALA A 1181 -34.78 -4.50 19.08
CA ALA A 1181 -35.59 -5.55 19.67
C ALA A 1181 -37.09 -5.28 19.86
N GLU A 1182 -37.84 -5.25 18.79
CA GLU A 1182 -39.26 -4.99 18.88
C GLU A 1182 -40.08 -5.94 19.76
N SER A 1183 -41.09 -5.37 20.42
CA SER A 1183 -41.79 -5.92 21.59
C SER A 1183 -40.80 -6.07 22.74
N GLU A 1184 -40.38 -4.91 23.25
CA GLU A 1184 -39.23 -4.79 24.14
C GLU A 1184 -39.47 -5.51 25.46
N CYS A 1185 -38.84 -6.67 25.60
CA CYS A 1185 -38.88 -7.43 26.84
C CYS A 1185 -37.51 -7.89 27.30
N VAL A 1186 -36.44 -7.57 26.57
CA VAL A 1186 -35.10 -7.98 26.99
C VAL A 1186 -34.55 -7.06 28.07
N LEU A 1187 -35.23 -5.95 28.36
CA LEU A 1187 -34.80 -5.03 29.40
C LEU A 1187 -35.86 -4.77 30.47
N GLN A 1188 -37.04 -5.37 30.34
CA GLN A 1188 -38.02 -5.29 31.42
C GLN A 1188 -37.58 -6.13 32.62
N GLU A 1189 -36.92 -7.25 32.37
CA GLU A 1189 -36.40 -8.10 33.44
C GLU A 1189 -35.03 -7.61 33.91
N ALA A 1190 -34.20 -7.15 32.98
CA ALA A 1190 -32.78 -6.91 33.27
C ALA A 1190 -32.54 -5.65 34.07
N LEU A 1191 -33.44 -4.66 33.99
CA LEU A 1191 -33.19 -3.38 34.65
C LEU A 1191 -33.44 -3.45 36.15
N GLU A 1192 -34.62 -3.90 36.56
CA GLU A 1192 -35.05 -3.78 37.95
C GLU A 1192 -34.58 -4.92 38.85
N ARG A 1193 -34.14 -6.04 38.28
CA ARG A 1193 -33.66 -7.17 39.06
C ARG A 1193 -32.17 -7.13 39.33
N LEU A 1194 -31.43 -6.24 38.66
CA LEU A 1194 -29.98 -6.28 38.69
C LEU A 1194 -29.37 -5.27 39.66
N MET A 1195 -30.12 -4.25 40.08
CA MET A 1195 -29.60 -3.14 40.85
C MET A 1195 -29.75 -3.35 42.36
N ARG A 1196 -29.64 -4.61 42.81
CA ARG A 1196 -30.00 -4.95 44.18
C ARG A 1196 -29.03 -4.39 45.22
N GLY A 1197 -27.72 -4.48 44.98
CA GLY A 1197 -26.77 -4.00 45.95
C GLY A 1197 -25.54 -3.36 45.32
N ARG A 1198 -25.70 -2.82 44.12
CA ARG A 1198 -24.57 -2.31 43.34
C ARG A 1198 -24.73 -0.82 43.11
N THR A 1199 -23.62 -0.18 42.76
CA THR A 1199 -23.62 1.22 42.36
C THR A 1199 -23.60 1.28 40.84
N THR A 1200 -24.71 1.71 40.25
CA THR A 1200 -24.89 1.64 38.80
C THR A 1200 -24.90 3.05 38.20
N VAL A 1201 -24.49 3.14 36.95
CA VAL A 1201 -24.60 4.36 36.16
C VAL A 1201 -25.25 3.96 34.84
N VAL A 1202 -26.52 4.34 34.66
CA VAL A 1202 -27.31 3.88 33.53
C VAL A 1202 -27.67 5.07 32.65
N VAL A 1203 -27.34 4.97 31.37
CA VAL A 1203 -27.68 5.98 30.38
C VAL A 1203 -28.62 5.33 29.37
N ALA A 1204 -29.57 6.11 28.86
CA ALA A 1204 -30.54 5.62 27.89
C ALA A 1204 -30.80 6.69 26.85
N HIS A 1205 -30.69 6.31 25.57
CA HIS A 1205 -30.83 7.30 24.51
C HIS A 1205 -32.29 7.62 24.20
N ARG A 1206 -33.18 6.62 24.30
CA ARG A 1206 -34.60 6.87 24.13
C ARG A 1206 -35.23 7.24 25.48
N LEU A 1207 -36.21 8.13 25.42
CA LEU A 1207 -36.94 8.55 26.61
C LEU A 1207 -38.08 7.57 26.90
N SER A 1208 -37.68 6.36 27.33
CA SER A 1208 -38.60 5.27 27.61
C SER A 1208 -37.90 4.32 28.55
N THR A 1209 -38.64 3.84 29.57
CA THR A 1209 -38.13 3.12 30.74
C THR A 1209 -36.99 3.92 31.38
N ILE A 1210 -37.22 5.23 31.56
CA ILE A 1210 -36.22 6.14 32.06
C ILE A 1210 -36.48 6.52 33.52
N ARG A 1211 -37.24 5.70 34.24
CA ARG A 1211 -37.62 6.01 35.61
C ARG A 1211 -36.51 5.55 36.56
N GLY A 1212 -35.46 6.37 36.62
CA GLY A 1212 -34.40 6.14 37.57
C GLY A 1212 -34.89 6.36 39.00
N VAL A 1213 -34.27 5.70 39.97
CA VAL A 1213 -34.85 5.62 41.31
C VAL A 1213 -34.07 6.36 42.37
N ASP A 1214 -32.92 6.96 42.04
CA ASP A 1214 -32.15 7.66 43.05
C ASP A 1214 -31.74 9.07 42.65
N CYS A 1215 -31.31 9.28 41.41
CA CYS A 1215 -30.97 10.62 40.95
C CYS A 1215 -31.17 10.71 39.46
N ILE A 1216 -30.68 11.81 38.88
CA ILE A 1216 -30.71 12.02 37.43
C ILE A 1216 -29.59 13.00 37.08
N GLY A 1217 -29.04 12.87 35.89
CA GLY A 1217 -28.07 13.82 35.37
C GLY A 1217 -28.39 14.23 33.94
N VAL A 1218 -28.54 15.53 33.70
CA VAL A 1218 -28.86 16.05 32.38
C VAL A 1218 -27.80 17.08 32.01
N ILE A 1219 -27.03 16.79 30.97
CA ILE A 1219 -25.88 17.59 30.57
C ILE A 1219 -26.29 18.50 29.41
N GLN A 1220 -25.71 19.70 29.37
CA GLN A 1220 -25.80 20.56 28.20
C GLN A 1220 -24.41 21.09 27.88
N ASP A 1221 -23.83 20.58 26.78
CA ASP A 1221 -22.58 21.07 26.18
C ASP A 1221 -21.39 20.96 27.15
N GLY A 1222 -21.31 19.86 27.89
CA GLY A 1222 -20.24 19.66 28.83
C GLY A 1222 -20.51 20.13 30.24
N ARG A 1223 -21.74 20.57 30.53
CA ARG A 1223 -22.14 21.00 31.86
C ARG A 1223 -23.51 20.42 32.17
N ILE A 1224 -23.64 19.86 33.36
CA ILE A 1224 -24.95 19.46 33.85
C ILE A 1224 -25.72 20.71 34.24
N VAL A 1225 -27.03 20.67 34.06
CA VAL A 1225 -27.89 21.83 34.30
C VAL A 1225 -28.90 21.60 35.41
N GLU A 1226 -29.25 20.35 35.72
CA GLU A 1226 -30.31 20.07 36.67
C GLU A 1226 -30.08 18.69 37.27
N GLN A 1227 -30.44 18.54 38.55
CA GLN A 1227 -30.13 17.34 39.32
C GLN A 1227 -31.17 17.16 40.41
N GLY A 1228 -31.43 15.91 40.75
CA GLY A 1228 -32.41 15.56 41.77
C GLY A 1228 -33.03 14.21 41.40
N SER A 1229 -34.13 13.88 42.07
CA SER A 1229 -34.85 12.67 41.74
C SER A 1229 -35.80 12.92 40.57
N HIS A 1230 -36.58 11.90 40.23
CA HIS A 1230 -37.65 12.08 39.23
C HIS A 1230 -38.96 12.43 39.91
N SER A 1231 -38.89 13.43 40.79
CA SER A 1231 -40.04 14.07 41.40
C SER A 1231 -39.88 15.57 41.55
N GLU A 1232 -38.65 16.08 41.50
CA GLU A 1232 -38.39 17.50 41.43
C GLU A 1232 -38.12 17.97 40.01
N LEU A 1233 -37.73 17.06 39.11
CA LEU A 1233 -37.64 17.36 37.69
C LEU A 1233 -39.00 17.68 37.10
N VAL A 1234 -40.04 16.94 37.50
CA VAL A 1234 -41.39 17.22 37.04
C VAL A 1234 -42.01 18.43 37.74
N SER A 1235 -41.38 18.94 38.80
CA SER A 1235 -41.92 20.11 39.48
C SER A 1235 -41.55 21.40 38.74
N ARG A 1236 -40.41 21.42 38.07
CA ARG A 1236 -40.04 22.59 37.29
C ARG A 1236 -40.90 22.65 36.02
N PRO A 1237 -41.35 23.85 35.63
CA PRO A 1237 -42.24 23.97 34.46
C PRO A 1237 -41.57 23.63 33.13
N GLU A 1238 -40.42 24.25 32.83
CA GLU A 1238 -39.68 23.92 31.62
C GLU A 1238 -38.34 23.28 31.94
N GLY A 1239 -37.45 23.99 32.63
CA GLY A 1239 -36.12 23.48 32.93
C GLY A 1239 -35.34 23.16 31.67
N ALA A 1240 -35.07 21.87 31.49
CA ALA A 1240 -34.55 21.33 30.24
C ALA A 1240 -35.23 20.05 29.82
N TYR A 1241 -36.05 19.43 30.68
CA TYR A 1241 -36.64 18.14 30.39
C TYR A 1241 -37.94 18.29 29.60
N SER A 1242 -38.53 19.49 29.59
CA SER A 1242 -39.79 19.70 28.87
C SER A 1242 -39.60 19.63 27.36
N ARG A 1243 -38.38 19.88 26.87
CA ARG A 1243 -38.09 19.65 25.46
C ARG A 1243 -38.07 18.16 25.14
N LEU A 1244 -37.67 17.34 26.11
CA LEU A 1244 -37.53 15.90 25.87
C LEU A 1244 -38.89 15.21 25.76
N LEU A 1245 -39.90 15.69 26.49
CA LEU A 1245 -41.20 15.03 26.48
C LEU A 1245 -41.94 15.25 25.17
N GLN A 1246 -41.62 16.32 24.43
CA GLN A 1246 -42.20 16.50 23.11
C GLN A 1246 -41.60 15.54 22.10
N LEU A 1247 -40.40 15.03 22.36
CA LEU A 1247 -39.78 14.03 21.50
C LEU A 1247 -40.40 12.64 21.65
N GLN A 1248 -41.20 12.42 22.69
CA GLN A 1248 -41.95 11.17 22.79
C GLN A 1248 -43.01 11.08 21.70
N THR A 1249 -43.61 12.21 21.33
CA THR A 1249 -44.66 12.24 20.33
C THR A 1249 -44.13 12.36 18.90
N HIS A 1250 -42.81 12.32 18.71
CA HIS A 1250 -42.20 12.48 17.40
C HIS A 1250 -41.85 11.15 16.74
N ARG A 1251 -42.66 10.11 16.94
CA ARG A 1251 -42.41 8.81 16.34
C ARG A 1251 -42.63 8.83 14.83
#